data_3KWO
#
_entry.id   3KWO
#
_cell.length_a   91.715
_cell.length_b   91.715
_cell.length_c   202.288
_cell.angle_alpha   90.00
_cell.angle_beta   90.00
_cell.angle_gamma   120.00
#
_symmetry.space_group_name_H-M   'H 3'
#
loop_
_entity.id
_entity.type
_entity.pdbx_description
1 polymer 'Putative bacterioferritin'
2 non-polymer 'ACETIC ACID'
3 non-polymer GLYCEROL
4 non-polymer 'ZINC ION'
5 non-polymer 1,4-BUTANEDIOL
6 water water
#
_entity_poly.entity_id   1
_entity_poly.type   'polypeptide(L)'
_entity_poly.pdbx_seq_one_letter_code
;SNA(MSE)SVTKQLLQ(MSE)QADAHHLWVKFHNYHWNVKGLQFFSIHEYTEKAYEE(MSE)AELFDSCAERVLQLGEKA
ITCQKVL(MSE)ENAKSPKVAKDCFTPLEVIELIKQDYEYLLAEFKKLNEAAEKESDTTTAAFAQENIAKYEKSLW
(MSE)IGATLQGACK(MSE)
;
_entity_poly.pdbx_strand_id   A,B,C,D
#
loop_
_chem_comp.id
_chem_comp.type
_chem_comp.name
_chem_comp.formula
ACY non-polymer 'ACETIC ACID' 'C2 H4 O2'
BU1 non-polymer 1,4-BUTANEDIOL 'C4 H10 O2'
GOL non-polymer GLYCEROL 'C3 H8 O3'
ZN non-polymer 'ZINC ION' 'Zn 2'
#
# COMPACT_ATOMS: atom_id res chain seq x y z
N ASN A 2 -2.26 47.90 -13.03
CA ASN A 2 -3.47 47.30 -13.58
C ASN A 2 -3.49 45.77 -13.60
N ALA A 3 -2.33 45.11 -13.62
CA ALA A 3 -2.35 43.63 -13.53
C ALA A 3 -2.86 43.27 -12.14
N MSE A 4 -3.41 42.08 -11.96
CA MSE A 4 -3.91 41.69 -10.63
C MSE A 4 -2.79 41.59 -9.58
O MSE A 4 -1.63 41.39 -9.89
CB MSE A 4 -4.72 40.39 -10.71
CG MSE A 4 -3.91 39.23 -11.29
SE MSE A 4 -4.83 37.50 -11.27
CE MSE A 4 -4.67 37.00 -13.17
N SER A 5 -3.17 41.75 -8.33
CA SER A 5 -2.26 41.73 -7.20
C SER A 5 -1.56 40.39 -7.01
N VAL A 6 -0.62 40.34 -6.07
CA VAL A 6 -0.01 39.07 -5.67
C VAL A 6 -1.07 38.04 -5.28
N THR A 7 -2.02 38.45 -4.44
CA THR A 7 -2.96 37.48 -3.91
C THR A 7 -3.82 36.89 -5.01
N LYS A 8 -4.28 37.69 -5.96
CA LYS A 8 -5.06 37.12 -7.06
C LYS A 8 -4.19 36.28 -7.97
N GLN A 9 -2.93 36.67 -8.18
CA GLN A 9 -2.03 35.79 -8.96
C GLN A 9 -1.80 34.43 -8.27
N LEU A 10 -1.56 34.45 -6.95
CA LEU A 10 -1.43 33.21 -6.19
C LEU A 10 -2.70 32.35 -6.29
N LEU A 11 -3.87 32.98 -6.23
CA LEU A 11 -5.12 32.23 -6.34
C LEU A 11 -5.21 31.55 -7.70
N GLN A 12 -4.82 32.27 -8.77
CA GLN A 12 -4.76 31.67 -10.12
C GLN A 12 -3.79 30.44 -10.11
N MSE A 13 -2.62 30.65 -9.50
CA MSE A 13 -1.55 29.65 -9.43
C MSE A 13 -2.08 28.42 -8.65
O MSE A 13 -1.79 27.27 -8.99
CB MSE A 13 -0.38 30.37 -8.72
CG MSE A 13 1.09 29.92 -8.79
SE MSE A 13 2.18 30.91 -10.21
CE MSE A 13 2.09 29.02 -11.00
N GLN A 14 -2.90 28.68 -7.63
CA GLN A 14 -3.51 27.59 -6.82
C GLN A 14 -4.41 26.74 -7.73
N ALA A 15 -5.28 27.41 -8.48
CA ALA A 15 -6.17 26.69 -9.36
C ALA A 15 -5.38 25.92 -10.45
N ASP A 16 -4.37 26.54 -11.04
CA ASP A 16 -3.58 25.83 -12.04
C ASP A 16 -2.82 24.62 -11.47
N ALA A 17 -2.26 24.77 -10.27
CA ALA A 17 -1.49 23.70 -9.68
C ALA A 17 -2.40 22.50 -9.46
N HIS A 18 -3.64 22.78 -9.05
CA HIS A 18 -4.62 21.72 -8.90
C HIS A 18 -4.91 21.05 -10.24
N HIS A 19 -5.08 21.85 -11.28
CA HIS A 19 -5.41 21.32 -12.59
C HIS A 19 -4.25 20.42 -13.08
N LEU A 20 -3.02 20.88 -12.90
CA LEU A 20 -1.86 20.16 -13.41
C LEU A 20 -1.64 18.89 -12.56
N TRP A 21 -1.96 18.96 -11.28
CA TRP A 21 -1.89 17.77 -10.44
C TRP A 21 -2.79 16.67 -11.04
N VAL A 22 -4.01 17.04 -11.44
CA VAL A 22 -4.93 16.06 -12.02
C VAL A 22 -4.38 15.60 -13.36
N LYS A 23 -3.93 16.57 -14.16
CA LYS A 23 -3.47 16.27 -15.51
C LYS A 23 -2.24 15.41 -15.56
N PHE A 24 -1.33 15.65 -14.63
CA PHE A 24 -0.12 14.85 -14.56
C PHE A 24 -0.43 13.38 -14.22
N HIS A 25 -1.52 13.13 -13.48
CA HIS A 25 -1.97 11.74 -13.25
C HIS A 25 -2.38 11.13 -14.58
N ASN A 26 -3.06 11.90 -15.43
CA ASN A 26 -3.42 11.36 -16.74
C ASN A 26 -2.17 10.88 -17.47
N TYR A 27 -1.12 11.70 -17.53
CA TYR A 27 0.12 11.24 -18.18
C TYR A 27 0.69 10.01 -17.46
N HIS A 28 0.72 10.05 -16.13
CA HIS A 28 1.22 8.97 -15.28
C HIS A 28 0.52 7.65 -15.56
N TRP A 29 -0.80 7.68 -15.67
CA TRP A 29 -1.54 6.44 -15.86
C TRP A 29 -1.49 5.91 -17.28
N ASN A 30 -1.50 6.80 -18.25
CA ASN A 30 -1.94 6.43 -19.58
C ASN A 30 -0.84 6.49 -20.65
N VAL A 31 0.41 6.77 -20.25
CA VAL A 31 1.50 6.70 -21.23
C VAL A 31 1.68 5.22 -21.67
N LYS A 32 2.08 5.01 -22.91
CA LYS A 32 2.25 3.65 -23.48
C LYS A 32 3.56 3.61 -24.24
N GLY A 33 4.34 2.53 -24.12
CA GLY A 33 5.55 2.41 -24.92
C GLY A 33 6.74 2.03 -24.08
N LEU A 34 7.87 1.86 -24.73
CA LEU A 34 9.05 1.31 -24.08
C LEU A 34 9.46 2.11 -22.84
N GLN A 35 9.31 3.43 -22.86
CA GLN A 35 9.75 4.25 -21.73
C GLN A 35 8.62 4.45 -20.71
N PHE A 36 7.65 3.54 -20.73
CA PHE A 36 6.52 3.64 -19.82
C PHE A 36 6.98 3.94 -18.41
N PHE A 37 7.89 3.13 -17.89
CA PHE A 37 8.20 3.26 -16.46
C PHE A 37 8.89 4.60 -16.10
N SER A 38 9.87 5.01 -16.89
CA SER A 38 10.55 6.26 -16.55
C SER A 38 9.58 7.43 -16.67
N ILE A 39 8.65 7.39 -17.62
CA ILE A 39 7.65 8.50 -17.71
C ILE A 39 6.68 8.47 -16.48
N HIS A 40 6.28 7.25 -16.10
CA HIS A 40 5.43 7.01 -14.92
C HIS A 40 6.06 7.58 -13.66
N GLU A 41 7.35 7.29 -13.46
CA GLU A 41 8.07 7.86 -12.32
C GLU A 41 8.28 9.39 -12.42
N TYR A 42 8.65 9.89 -13.59
CA TYR A 42 8.88 11.31 -13.73
C TYR A 42 7.59 12.07 -13.42
N THR A 43 6.47 11.60 -13.98
CA THR A 43 5.20 12.28 -13.79
C THR A 43 4.67 12.12 -12.36
N GLU A 44 5.12 11.09 -11.65
CA GLU A 44 4.74 10.94 -10.26
C GLU A 44 5.43 12.01 -9.41
N LYS A 45 6.72 12.21 -9.64
CA LYS A 45 7.45 13.28 -9.00
C LYS A 45 6.78 14.63 -9.37
N ALA A 46 6.43 14.79 -10.64
CA ALA A 46 5.75 16.02 -11.06
C ALA A 46 4.41 16.30 -10.35
N TYR A 47 3.54 15.31 -10.23
CA TYR A 47 2.29 15.60 -9.56
C TYR A 47 2.48 15.87 -8.10
N GLU A 48 3.51 15.26 -7.52
CA GLU A 48 3.78 15.51 -6.10
C GLU A 48 4.20 16.98 -5.95
N GLU A 49 5.01 17.48 -6.88
CA GLU A 49 5.36 18.91 -6.90
C GLU A 49 4.13 19.82 -7.08
N MSE A 50 3.18 19.40 -7.90
CA MSE A 50 1.97 20.19 -8.09
C MSE A 50 1.14 20.23 -6.78
O MSE A 50 0.63 21.27 -6.42
CB MSE A 50 1.10 19.66 -9.25
CG MSE A 50 1.73 19.85 -10.65
SE MSE A 50 2.25 21.73 -11.06
CE MSE A 50 4.04 21.84 -10.19
N ALA A 51 1.00 19.08 -6.12
CA ALA A 51 0.32 19.04 -4.82
C ALA A 51 0.97 20.03 -3.86
N GLU A 52 2.29 20.02 -3.80
CA GLU A 52 3.01 20.96 -2.94
C GLU A 52 2.75 22.42 -3.35
N LEU A 53 2.75 22.67 -4.65
CA LEU A 53 2.53 24.05 -5.13
C LEU A 53 1.15 24.58 -4.73
N PHE A 54 0.16 23.69 -4.84
CA PHE A 54 -1.22 23.98 -4.51
C PHE A 54 -1.29 24.42 -3.04
N ASP A 55 -0.66 23.66 -2.16
CA ASP A 55 -0.70 23.97 -0.74
C ASP A 55 0.09 25.24 -0.47
N SER A 56 1.25 25.43 -1.12
CA SER A 56 2.05 26.64 -0.90
C SER A 56 1.32 27.91 -1.29
N CYS A 57 0.67 27.90 -2.45
CA CYS A 57 -0.02 29.10 -2.92
C CYS A 57 -1.17 29.40 -1.98
N ALA A 58 -1.94 28.37 -1.64
CA ALA A 58 -3.05 28.57 -0.71
C ALA A 58 -2.57 29.18 0.61
N GLU A 59 -1.49 28.62 1.18
CA GLU A 59 -1.05 29.10 2.48
C GLU A 59 -0.47 30.50 2.37
N ARG A 60 0.13 30.84 1.22
CA ARG A 60 0.65 32.20 1.11
C ARG A 60 -0.49 33.23 1.03
N VAL A 61 -1.55 32.93 0.30
CA VAL A 61 -2.77 33.76 0.26
C VAL A 61 -3.35 33.98 1.66
N LEU A 62 -3.35 32.92 2.44
CA LEU A 62 -3.86 33.01 3.80
C LEU A 62 -2.95 33.87 4.67
N GLN A 63 -1.65 33.71 4.53
CA GLN A 63 -0.69 34.61 5.21
C GLN A 63 -0.90 36.07 4.80
N LEU A 64 -1.30 36.31 3.56
CA LEU A 64 -1.52 37.68 3.08
C LEU A 64 -2.92 38.20 3.41
N GLY A 65 -3.71 37.41 4.13
CA GLY A 65 -5.00 37.83 4.62
C GLY A 65 -6.23 37.65 3.74
N GLU A 66 -6.12 36.83 2.71
CA GLU A 66 -7.29 36.58 1.87
C GLU A 66 -7.60 35.10 2.04
N LYS A 67 -8.68 34.61 1.48
CA LYS A 67 -8.92 33.18 1.72
C LYS A 67 -8.58 32.31 0.53
N ALA A 68 -8.02 31.15 0.79
CA ALA A 68 -7.69 30.24 -0.29
C ALA A 68 -8.97 29.68 -0.93
N ILE A 69 -8.84 29.13 -2.12
CA ILE A 69 -9.98 28.47 -2.75
C ILE A 69 -10.22 27.12 -2.11
N THR A 70 -11.45 26.83 -1.68
CA THR A 70 -11.74 25.54 -1.03
C THR A 70 -12.77 24.69 -1.79
N CYS A 71 -13.29 25.21 -2.89
CA CYS A 71 -14.31 24.50 -3.65
C CYS A 71 -13.77 23.96 -4.96
N GLN A 72 -14.01 22.69 -5.28
CA GLN A 72 -13.49 22.12 -6.51
C GLN A 72 -14.12 22.72 -7.77
N LYS A 73 -15.32 23.27 -7.66
CA LYS A 73 -15.97 23.90 -8.80
C LYS A 73 -15.23 25.19 -9.14
N VAL A 74 -14.94 25.99 -8.13
CA VAL A 74 -14.09 27.17 -8.31
C VAL A 74 -12.68 26.80 -8.86
N LEU A 75 -12.04 25.76 -8.32
CA LEU A 75 -10.73 25.34 -8.87
C LEU A 75 -10.83 25.01 -10.34
N MSE A 76 -11.91 24.34 -10.73
CA MSE A 76 -12.02 23.93 -12.11
C MSE A 76 -12.29 25.11 -13.02
O MSE A 76 -11.73 25.20 -14.12
CB MSE A 76 -13.17 22.96 -12.27
CG MSE A 76 -13.71 22.95 -13.68
SE MSE A 76 -15.15 21.69 -13.77
CE MSE A 76 -16.55 22.91 -13.15
N GLU A 77 -13.15 26.02 -12.58
CA GLU A 77 -13.53 27.16 -13.41
C GLU A 77 -12.37 28.15 -13.59
N ASN A 78 -11.46 28.18 -12.63
CA ASN A 78 -10.44 29.24 -12.61
C ASN A 78 -9.16 28.79 -13.30
N ALA A 79 -8.97 27.49 -13.42
CA ALA A 79 -7.75 26.97 -14.04
C ALA A 79 -7.62 27.46 -15.49
N LYS A 80 -6.41 27.85 -15.86
CA LYS A 80 -6.14 28.38 -17.19
C LYS A 80 -4.96 27.66 -17.85
N SER A 81 -4.42 26.66 -17.19
CA SER A 81 -3.32 25.89 -17.76
C SER A 81 -3.85 25.04 -18.91
N PRO A 82 -2.96 24.55 -19.79
CA PRO A 82 -3.44 23.94 -21.03
C PRO A 82 -4.28 22.72 -20.75
N LYS A 83 -5.40 22.58 -21.43
CA LYS A 83 -6.20 21.38 -21.28
C LYS A 83 -5.76 20.31 -22.28
N VAL A 84 -5.93 19.04 -21.94
CA VAL A 84 -5.68 18.02 -22.94
C VAL A 84 -6.88 17.10 -23.02
N ALA A 85 -7.36 16.89 -24.24
CA ALA A 85 -8.47 16.00 -24.51
C ALA A 85 -7.94 14.69 -25.05
N LYS A 86 -7.15 14.00 -24.26
CA LYS A 86 -6.50 12.77 -24.68
C LYS A 86 -6.41 11.97 -23.42
N ASP A 87 -6.46 10.65 -23.58
CA ASP A 87 -6.23 9.76 -22.44
C ASP A 87 -5.38 8.58 -22.84
N CYS A 88 -4.50 8.76 -23.82
CA CYS A 88 -3.49 7.77 -24.15
C CYS A 88 -2.33 8.52 -24.79
N PHE A 89 -1.09 8.18 -24.49
CA PHE A 89 0.06 9.02 -24.92
C PHE A 89 1.28 8.16 -25.23
N THR A 90 2.06 8.54 -26.23
CA THR A 90 3.40 7.99 -26.33
C THR A 90 4.34 8.75 -25.38
N PRO A 91 5.54 8.20 -25.13
CA PRO A 91 6.50 8.94 -24.29
C PRO A 91 6.86 10.33 -24.83
N LEU A 92 7.12 10.44 -26.13
N LEU A 92 7.11 10.41 -26.14
CA LEU A 92 7.38 11.76 -26.73
CA LEU A 92 7.33 11.68 -26.83
C LEU A 92 6.20 12.73 -26.59
C LEU A 92 6.20 12.67 -26.54
N GLU A 93 4.96 12.24 -26.74
CA GLU A 93 3.79 13.10 -26.48
C GLU A 93 3.74 13.66 -25.08
N VAL A 94 4.09 12.82 -24.09
CA VAL A 94 4.04 13.28 -22.74
C VAL A 94 5.11 14.36 -22.53
N ILE A 95 6.30 14.13 -23.08
CA ILE A 95 7.39 15.06 -22.91
C ILE A 95 7.03 16.38 -23.58
N GLU A 96 6.44 16.32 -24.76
CA GLU A 96 5.99 17.52 -25.46
C GLU A 96 4.93 18.26 -24.66
N LEU A 97 3.96 17.53 -24.11
CA LEU A 97 2.87 18.16 -23.35
C LEU A 97 3.32 18.79 -22.04
N ILE A 98 4.22 18.10 -21.34
CA ILE A 98 4.84 18.63 -20.14
C ILE A 98 5.67 19.88 -20.47
N LYS A 99 6.39 19.88 -21.58
CA LYS A 99 7.04 21.11 -22.00
C LYS A 99 6.01 22.25 -22.06
N GLN A 100 4.85 22.03 -22.68
CA GLN A 100 3.84 23.11 -22.74
C GLN A 100 3.36 23.53 -21.34
N ASP A 101 3.16 22.56 -20.45
CA ASP A 101 2.71 22.85 -19.07
C ASP A 101 3.76 23.65 -18.29
N TYR A 102 5.02 23.25 -18.41
CA TYR A 102 6.09 23.97 -17.72
C TYR A 102 6.33 25.39 -18.29
N GLU A 103 6.17 25.56 -19.60
CA GLU A 103 6.30 26.88 -20.20
C GLU A 103 5.18 27.76 -19.65
N TYR A 104 3.99 27.16 -19.49
CA TYR A 104 2.89 27.90 -18.90
C TYR A 104 3.20 28.33 -17.46
N LEU A 105 3.64 27.39 -16.64
CA LEU A 105 3.97 27.68 -15.24
C LEU A 105 5.00 28.77 -15.17
N LEU A 106 6.06 28.62 -15.96
CA LEU A 106 7.15 29.59 -15.96
C LEU A 106 6.64 30.98 -16.26
N ALA A 107 5.76 31.11 -17.26
CA ALA A 107 5.23 32.42 -17.59
C ALA A 107 4.42 32.97 -16.41
N GLU A 108 3.70 32.09 -15.70
CA GLU A 108 2.88 32.57 -14.60
C GLU A 108 3.76 32.91 -13.41
N PHE A 109 4.83 32.16 -13.18
CA PHE A 109 5.72 32.53 -12.08
C PHE A 109 6.41 33.86 -12.36
N LYS A 110 6.66 34.17 -13.64
CA LYS A 110 7.27 35.47 -13.94
C LYS A 110 6.27 36.58 -13.61
N LYS A 111 4.98 36.35 -13.88
CA LYS A 111 3.99 37.38 -13.57
C LYS A 111 3.88 37.54 -12.08
N LEU A 112 3.97 36.41 -11.38
CA LEU A 112 3.93 36.40 -9.92
C LEU A 112 5.08 37.23 -9.35
N ASN A 113 6.29 36.98 -9.84
CA ASN A 113 7.43 37.78 -9.46
C ASN A 113 7.23 39.28 -9.73
N GLU A 114 6.83 39.65 -10.94
CA GLU A 114 6.61 41.08 -11.21
C GLU A 114 5.59 41.70 -10.23
N ALA A 115 4.50 40.97 -9.97
CA ALA A 115 3.51 41.46 -8.99
C ALA A 115 4.11 41.60 -7.57
N ALA A 116 4.89 40.61 -7.17
CA ALA A 116 5.53 40.63 -5.86
C ALA A 116 6.49 41.78 -5.76
N GLU A 117 7.24 42.05 -6.83
CA GLU A 117 8.21 43.15 -6.80
C GLU A 117 7.51 44.51 -6.66
N LYS A 118 6.45 44.74 -7.42
CA LYS A 118 5.70 45.99 -7.34
C LYS A 118 5.11 46.19 -5.97
N GLU A 119 4.84 45.10 -5.25
CA GLU A 119 4.31 45.16 -3.87
C GLU A 119 5.37 45.09 -2.78
N SER A 120 6.64 45.05 -3.14
CA SER A 120 7.71 44.87 -2.17
C SER A 120 7.48 43.64 -1.26
N ASP A 121 6.93 42.59 -1.87
CA ASP A 121 6.64 41.35 -1.13
C ASP A 121 7.83 40.43 -1.35
N THR A 122 8.84 40.53 -0.47
CA THR A 122 10.07 39.75 -0.63
C THR A 122 9.83 38.23 -0.51
N THR A 123 8.91 37.82 0.36
CA THR A 123 8.65 36.41 0.55
C THR A 123 8.11 35.78 -0.72
N THR A 124 7.09 36.39 -1.30
CA THR A 124 6.53 35.84 -2.53
C THR A 124 7.49 35.96 -3.70
N ALA A 125 8.25 37.05 -3.74
CA ALA A 125 9.23 37.20 -4.83
C ALA A 125 10.23 36.04 -4.78
N ALA A 126 10.75 35.75 -3.59
CA ALA A 126 11.74 34.67 -3.45
C ALA A 126 11.10 33.36 -3.89
N PHE A 127 9.86 33.15 -3.48
CA PHE A 127 9.12 31.94 -3.85
C PHE A 127 8.99 31.81 -5.39
N ALA A 128 8.61 32.90 -6.04
CA ALA A 128 8.47 32.94 -7.49
C ALA A 128 9.82 32.66 -8.19
N GLN A 129 10.87 33.32 -7.72
CA GLN A 129 12.18 33.24 -8.36
C GLN A 129 12.80 31.84 -8.17
N GLU A 130 12.60 31.25 -7.00
CA GLU A 130 13.06 29.89 -6.78
C GLU A 130 12.43 29.00 -7.83
N ASN A 131 11.14 29.19 -8.06
CA ASN A 131 10.44 28.39 -9.07
C ASN A 131 10.84 28.72 -10.51
N ILE A 132 11.14 29.99 -10.76
CA ILE A 132 11.56 30.38 -12.08
C ILE A 132 12.86 29.62 -12.41
N ALA A 133 13.76 29.58 -11.42
CA ALA A 133 15.05 28.89 -11.60
C ALA A 133 14.81 27.40 -11.89
N LYS A 134 13.87 26.81 -11.16
CA LYS A 134 13.53 25.39 -11.32
C LYS A 134 13.02 25.07 -12.72
N TYR A 135 12.11 25.88 -13.26
CA TYR A 135 11.56 25.57 -14.58
C TYR A 135 12.47 25.95 -15.75
N GLU A 136 13.33 26.95 -15.56
CA GLU A 136 14.29 27.30 -16.59
C GLU A 136 15.27 26.13 -16.80
N LYS A 137 15.74 25.55 -15.71
CA LYS A 137 16.59 24.38 -15.77
C LYS A 137 15.85 23.18 -16.39
N SER A 138 14.66 22.87 -15.89
CA SER A 138 13.87 21.75 -16.39
C SER A 138 13.53 21.89 -17.87
N LEU A 139 13.16 23.09 -18.29
CA LEU A 139 12.84 23.36 -19.67
C LEU A 139 14.05 23.24 -20.58
N TRP A 140 15.24 23.60 -20.09
CA TRP A 140 16.44 23.34 -20.87
C TRP A 140 16.58 21.81 -21.15
N MSE A 141 16.41 21.01 -20.11
CA MSE A 141 16.60 19.57 -20.24
C MSE A 141 15.51 18.94 -21.09
O MSE A 141 15.79 18.10 -21.94
CB MSE A 141 16.63 18.91 -18.85
CG MSE A 141 17.74 19.43 -18.02
SE MSE A 141 17.95 18.31 -16.40
CE MSE A 141 16.73 19.28 -15.22
N ILE A 142 14.27 19.36 -20.88
CA ILE A 142 13.18 18.87 -21.71
C ILE A 142 13.42 19.29 -23.16
N GLY A 143 13.87 20.51 -23.43
CA GLY A 143 14.13 20.90 -24.80
C GLY A 143 15.21 20.05 -25.47
N ALA A 144 16.23 19.71 -24.69
CA ALA A 144 17.32 18.90 -25.22
C ALA A 144 16.82 17.47 -25.52
N THR A 145 15.88 17.01 -24.71
CA THR A 145 15.31 15.67 -24.84
C THR A 145 14.49 15.59 -26.14
N LEU A 146 13.93 16.71 -26.54
CA LEU A 146 13.10 16.76 -27.74
C LEU A 146 13.86 17.09 -29.04
N GLN A 147 15.05 17.69 -28.93
CA GLN A 147 15.75 18.16 -30.13
C GLN A 147 16.34 17.01 -30.91
N GLY A 148 16.71 17.27 -32.16
CA GLY A 148 17.55 16.34 -32.90
C GLY A 148 18.99 16.84 -32.98
N ALA A 149 19.97 15.95 -32.87
CA ALA A 149 21.35 16.40 -32.93
C ALA A 149 21.65 16.98 -34.30
N CYS A 150 22.53 17.98 -34.32
CA CYS A 150 23.11 18.45 -35.58
C CYS A 150 23.72 17.23 -36.28
N MSE B 4 -5.11 -29.65 -8.13
CA MSE B 4 -4.50 -30.62 -7.23
C MSE B 4 -4.20 -30.01 -5.85
O MSE B 4 -4.69 -28.96 -5.51
CB MSE B 4 -3.24 -31.21 -7.85
CG MSE B 4 -2.12 -30.19 -8.07
SE MSE B 4 -0.93 -30.70 -9.55
CE MSE B 4 0.55 -29.46 -9.27
N SER B 5 -3.38 -30.70 -5.06
CA SER B 5 -3.21 -30.34 -3.67
C SER B 5 -2.27 -29.15 -3.47
N VAL B 6 -2.35 -28.54 -2.30
CA VAL B 6 -1.43 -27.46 -1.95
C VAL B 6 0.03 -27.91 -2.08
N THR B 7 0.41 -29.03 -1.48
CA THR B 7 1.83 -29.39 -1.55
C THR B 7 2.26 -29.72 -3.00
N LYS B 8 1.39 -30.40 -3.74
CA LYS B 8 1.74 -30.72 -5.12
C LYS B 8 1.91 -29.44 -5.95
N GLN B 9 1.00 -28.50 -5.78
CA GLN B 9 1.10 -27.21 -6.49
C GLN B 9 2.33 -26.39 -6.06
N LEU B 10 2.67 -26.41 -4.77
CA LEU B 10 3.87 -25.73 -4.27
C LEU B 10 5.15 -26.29 -4.88
N LEU B 11 5.20 -27.61 -5.04
CA LEU B 11 6.35 -28.28 -5.62
C LEU B 11 6.47 -27.97 -7.12
N GLN B 12 5.33 -27.92 -7.82
CA GLN B 12 5.31 -27.45 -9.19
C GLN B 12 5.91 -26.03 -9.26
N MSE B 13 5.43 -25.14 -8.40
CA MSE B 13 5.95 -23.77 -8.40
C MSE B 13 7.43 -23.66 -8.01
O MSE B 13 8.14 -22.79 -8.50
CB MSE B 13 5.10 -22.86 -7.54
CG MSE B 13 3.63 -22.84 -7.97
SE MSE B 13 2.77 -21.12 -7.58
CE MSE B 13 4.03 -20.14 -8.79
N GLN B 14 7.88 -24.54 -7.12
CA GLN B 14 9.30 -24.58 -6.76
C GLN B 14 10.13 -24.87 -8.02
N ALA B 15 9.75 -25.90 -8.76
CA ALA B 15 10.41 -26.26 -10.01
C ALA B 15 10.34 -25.09 -11.02
N ASP B 16 9.18 -24.44 -11.11
CA ASP B 16 9.04 -23.34 -12.05
C ASP B 16 9.90 -22.11 -11.67
N ALA B 17 9.98 -21.81 -10.37
CA ALA B 17 10.79 -20.73 -9.87
C ALA B 17 12.25 -20.95 -10.25
N HIS B 18 12.73 -22.18 -10.11
CA HIS B 18 14.11 -22.51 -10.51
C HIS B 18 14.33 -22.30 -12.01
N HIS B 19 13.41 -22.82 -12.81
CA HIS B 19 13.48 -22.62 -14.25
C HIS B 19 13.49 -21.13 -14.63
N LEU B 20 12.60 -20.32 -14.06
CA LEU B 20 12.59 -18.88 -14.37
C LEU B 20 13.84 -18.17 -13.85
N TRP B 21 14.36 -18.61 -12.71
CA TRP B 21 15.62 -18.06 -12.20
C TRP B 21 16.72 -18.22 -13.25
N VAL B 22 16.81 -19.40 -13.84
CA VAL B 22 17.80 -19.64 -14.88
C VAL B 22 17.50 -18.83 -16.14
N LYS B 23 16.26 -18.89 -16.61
CA LYS B 23 15.90 -18.14 -17.81
C LYS B 23 16.06 -16.63 -17.65
N PHE B 24 15.69 -16.11 -16.48
CA PHE B 24 15.82 -14.67 -16.28
C PHE B 24 17.30 -14.20 -16.34
N HIS B 25 18.26 -15.10 -16.03
CA HIS B 25 19.70 -14.81 -16.22
C HIS B 25 20.03 -14.74 -17.70
N ASN B 26 19.41 -15.62 -18.50
CA ASN B 26 19.63 -15.54 -19.94
C ASN B 26 19.19 -14.16 -20.45
N TYR B 27 18.01 -13.70 -20.07
CA TYR B 27 17.59 -12.33 -20.52
C TYR B 27 18.60 -11.25 -20.05
N HIS B 28 19.07 -11.41 -18.82
CA HIS B 28 19.93 -10.45 -18.13
C HIS B 28 21.27 -10.33 -18.84
N TRP B 29 21.77 -11.46 -19.34
CA TRP B 29 23.10 -11.50 -19.92
C TRP B 29 23.07 -11.13 -21.38
N ASN B 30 21.98 -11.50 -22.03
CA ASN B 30 22.02 -11.60 -23.49
C ASN B 30 21.17 -10.58 -24.23
N VAL B 31 20.54 -9.67 -23.51
CA VAL B 31 19.81 -8.59 -24.16
C VAL B 31 20.81 -7.61 -24.84
N LYS B 32 20.43 -7.09 -26.00
CA LYS B 32 21.27 -6.21 -26.83
C LYS B 32 20.47 -4.97 -27.18
N GLY B 33 21.13 -3.81 -27.23
CA GLY B 33 20.42 -2.61 -27.64
C GLY B 33 20.48 -1.48 -26.62
N LEU B 34 19.87 -0.37 -26.99
CA LEU B 34 20.04 0.88 -26.27
C LEU B 34 19.56 0.80 -24.81
N GLN B 35 18.55 -0.01 -24.55
CA GLN B 35 18.03 -0.16 -23.19
C GLN B 35 18.70 -1.32 -22.42
N PHE B 36 19.87 -1.72 -22.88
CA PHE B 36 20.57 -2.84 -22.26
C PHE B 36 20.58 -2.72 -20.74
N PHE B 37 20.97 -1.57 -20.23
CA PHE B 37 21.23 -1.50 -18.80
C PHE B 37 19.95 -1.55 -17.99
N SER B 38 18.90 -0.86 -18.44
CA SER B 38 17.67 -0.89 -17.65
C SER B 38 17.13 -2.32 -17.68
N ILE B 39 17.23 -2.99 -18.83
CA ILE B 39 16.73 -4.37 -18.94
C ILE B 39 17.56 -5.30 -18.08
N HIS B 40 18.87 -5.09 -18.09
CA HIS B 40 19.81 -5.87 -17.26
C HIS B 40 19.48 -5.70 -15.76
N GLU B 41 19.23 -4.46 -15.32
CA GLU B 41 18.87 -4.20 -13.94
C GLU B 41 17.50 -4.81 -13.58
N TYR B 42 16.57 -4.75 -14.53
CA TYR B 42 15.21 -5.20 -14.29
C TYR B 42 15.22 -6.71 -14.09
N THR B 43 15.98 -7.39 -14.94
CA THR B 43 15.98 -8.84 -14.92
C THR B 43 16.79 -9.35 -13.71
N GLU B 44 17.69 -8.52 -13.21
CA GLU B 44 18.45 -8.88 -12.01
C GLU B 44 17.50 -8.95 -10.81
N LYS B 45 16.72 -7.90 -10.65
CA LYS B 45 15.69 -7.89 -9.61
C LYS B 45 14.72 -9.06 -9.80
N ALA B 46 14.30 -9.29 -11.03
CA ALA B 46 13.41 -10.44 -11.31
C ALA B 46 14.02 -11.80 -10.95
N TYR B 47 15.27 -12.04 -11.32
CA TYR B 47 15.80 -13.32 -10.90
C TYR B 47 15.97 -13.44 -9.39
N GLU B 48 16.25 -12.32 -8.74
CA GLU B 48 16.33 -12.34 -7.30
C GLU B 48 15.00 -12.74 -6.67
N GLU B 49 13.90 -12.23 -7.21
CA GLU B 49 12.58 -12.65 -6.78
C GLU B 49 12.31 -14.12 -7.06
N MSE B 50 12.81 -14.66 -8.19
CA MSE B 50 12.66 -16.09 -8.47
C MSE B 50 13.43 -16.93 -7.43
O MSE B 50 12.92 -17.93 -6.94
CB MSE B 50 13.07 -16.46 -9.93
CG MSE B 50 12.19 -15.79 -11.04
SE MSE B 50 10.24 -16.30 -10.80
CE MSE B 50 9.71 -14.79 -9.60
N ALA B 51 14.63 -16.52 -7.07
CA ALA B 51 15.34 -17.23 -6.00
C ALA B 51 14.54 -17.23 -4.69
N GLU B 52 13.98 -16.08 -4.35
CA GLU B 52 13.17 -15.98 -3.14
C GLU B 52 11.94 -16.88 -3.27
N LEU B 53 11.32 -16.89 -4.42
CA LEU B 53 10.12 -17.73 -4.61
C LEU B 53 10.43 -19.22 -4.48
N PHE B 54 11.57 -19.62 -5.03
CA PHE B 54 12.07 -20.99 -4.94
C PHE B 54 12.16 -21.43 -3.49
N ASP B 55 12.79 -20.58 -2.69
CA ASP B 55 13.02 -20.86 -1.27
C ASP B 55 11.70 -20.87 -0.49
N SER B 56 10.81 -19.91 -0.79
CA SER B 56 9.56 -19.81 -0.06
C SER B 56 8.72 -21.03 -0.37
N CYS B 57 8.75 -21.50 -1.61
CA CYS B 57 7.86 -22.61 -1.97
C CYS B 57 8.36 -23.88 -1.24
N ALA B 58 9.67 -24.09 -1.28
CA ALA B 58 10.25 -25.24 -0.62
C ALA B 58 9.93 -25.20 0.88
N GLU B 59 10.16 -24.05 1.51
CA GLU B 59 9.95 -24.01 2.95
C GLU B 59 8.48 -24.19 3.36
N ARG B 60 7.56 -23.75 2.52
CA ARG B 60 6.15 -24.00 2.81
C ARG B 60 5.80 -25.49 2.73
N VAL B 61 6.39 -26.17 1.76
CA VAL B 61 6.19 -27.61 1.64
C VAL B 61 6.76 -28.30 2.89
N LEU B 62 7.91 -27.86 3.36
CA LEU B 62 8.51 -28.43 4.55
C LEU B 62 7.64 -28.14 5.78
N GLN B 63 7.12 -26.91 5.87
CA GLN B 63 6.24 -26.57 7.00
C GLN B 63 5.00 -27.47 6.99
N LEU B 64 4.56 -27.84 5.79
CA LEU B 64 3.41 -28.70 5.60
C LEU B 64 3.73 -30.21 5.73
N GLY B 65 4.95 -30.54 6.16
CA GLY B 65 5.31 -31.92 6.50
C GLY B 65 5.78 -32.79 5.34
N GLU B 66 6.04 -32.18 4.20
CA GLU B 66 6.42 -32.92 3.00
C GLU B 66 7.88 -32.52 2.67
N LYS B 67 8.52 -33.20 1.72
CA LYS B 67 9.89 -32.86 1.33
C LYS B 67 9.93 -31.91 0.14
N ALA B 68 10.78 -30.89 0.22
CA ALA B 68 11.03 -30.01 -0.94
C ALA B 68 11.84 -30.80 -1.96
N ILE B 69 11.88 -30.33 -3.20
CA ILE B 69 12.72 -30.94 -4.22
C ILE B 69 14.15 -30.47 -3.99
N THR B 70 15.11 -31.40 -3.98
CA THR B 70 16.50 -31.04 -3.73
C THR B 70 17.45 -31.49 -4.85
N CYS B 71 16.91 -32.21 -5.84
CA CYS B 71 17.71 -32.68 -7.00
C CYS B 71 17.47 -31.82 -8.23
N GLN B 72 18.52 -31.31 -8.86
CA GLN B 72 18.34 -30.49 -10.05
C GLN B 72 17.69 -31.25 -11.23
N LYS B 73 17.85 -32.57 -11.26
CA LYS B 73 17.25 -33.33 -12.35
C LYS B 73 15.74 -33.37 -12.20
N VAL B 74 15.27 -33.53 -10.97
CA VAL B 74 13.86 -33.43 -10.69
C VAL B 74 13.34 -32.01 -11.04
N LEU B 75 14.09 -30.96 -10.66
CA LEU B 75 13.66 -29.57 -10.96
C LEU B 75 13.48 -29.37 -12.44
N MSE B 76 14.42 -29.95 -13.19
CA MSE B 76 14.40 -29.78 -14.63
C MSE B 76 13.23 -30.52 -15.27
O MSE B 76 12.50 -29.97 -16.11
CB MSE B 76 15.71 -30.32 -15.22
CG MSE B 76 15.69 -30.25 -16.73
SE MSE B 76 17.15 -31.22 -17.51
CE MSE B 76 16.68 -33.04 -16.92
N GLU B 77 13.05 -31.78 -14.86
CA GLU B 77 11.98 -32.62 -15.36
C GLU B 77 10.60 -32.03 -15.08
N ASN B 78 10.44 -31.38 -13.94
CA ASN B 78 9.12 -30.92 -13.50
C ASN B 78 8.69 -29.52 -13.95
N ALA B 79 9.66 -28.72 -14.39
CA ALA B 79 9.37 -27.33 -14.77
C ALA B 79 8.45 -27.29 -15.99
N LYS B 80 7.45 -26.43 -15.94
CA LYS B 80 6.53 -26.33 -17.04
C LYS B 80 6.37 -24.91 -17.55
N SER B 81 7.16 -23.95 -17.04
CA SER B 81 7.06 -22.57 -17.53
C SER B 81 7.59 -22.53 -18.96
N PRO B 82 7.30 -21.44 -19.71
CA PRO B 82 7.59 -21.37 -21.15
C PRO B 82 9.07 -21.61 -21.49
N LYS B 83 9.35 -22.47 -22.47
CA LYS B 83 10.71 -22.73 -22.86
C LYS B 83 11.20 -21.60 -23.79
N VAL B 84 12.46 -21.22 -23.70
CA VAL B 84 13.00 -20.33 -24.72
C VAL B 84 14.27 -20.90 -25.33
N ALA B 85 14.31 -21.02 -26.65
CA ALA B 85 15.50 -21.53 -27.30
C ALA B 85 16.30 -20.44 -28.03
N LYS B 86 16.36 -19.26 -27.43
CA LYS B 86 17.10 -18.11 -27.93
C LYS B 86 18.10 -17.72 -26.83
N ASP B 87 19.15 -17.01 -27.22
CA ASP B 87 20.18 -16.55 -26.29
C ASP B 87 20.69 -15.19 -26.76
N CYS B 88 19.83 -14.46 -27.47
CA CYS B 88 20.11 -13.10 -27.87
C CYS B 88 18.76 -12.42 -28.04
N PHE B 89 18.60 -11.24 -27.44
CA PHE B 89 17.28 -10.59 -27.38
C PHE B 89 17.35 -9.09 -27.60
N THR B 90 16.30 -8.50 -28.17
CA THR B 90 16.11 -7.05 -28.07
C THR B 90 15.40 -6.70 -26.75
N PRO B 91 15.44 -5.42 -26.37
CA PRO B 91 14.72 -5.07 -25.13
C PRO B 91 13.24 -5.39 -25.21
N LEU B 92 12.60 -5.08 -26.34
CA LEU B 92 11.18 -5.39 -26.45
C LEU B 92 10.89 -6.89 -26.43
N GLU B 93 11.78 -7.71 -27.00
CA GLU B 93 11.66 -9.19 -26.91
C GLU B 93 11.73 -9.73 -25.47
N VAL B 94 12.69 -9.24 -24.68
CA VAL B 94 12.75 -9.58 -23.27
C VAL B 94 11.42 -9.23 -22.55
N ILE B 95 10.94 -8.01 -22.72
CA ILE B 95 9.69 -7.62 -22.07
C ILE B 95 8.50 -8.51 -22.47
N GLU B 96 8.40 -8.83 -23.75
CA GLU B 96 7.37 -9.73 -24.25
C GLU B 96 7.52 -11.13 -23.63
N LEU B 97 8.75 -11.64 -23.53
CA LEU B 97 8.95 -12.95 -22.87
C LEU B 97 8.62 -12.91 -21.39
N ILE B 98 9.08 -11.87 -20.71
CA ILE B 98 8.74 -11.72 -19.29
C ILE B 98 7.22 -11.65 -19.09
N LYS B 99 6.53 -10.95 -19.99
CA LYS B 99 5.06 -10.94 -19.93
C LYS B 99 4.51 -12.38 -19.92
N GLN B 100 4.94 -13.21 -20.86
N GLN B 100 4.96 -13.19 -20.86
CA GLN B 100 4.43 -14.58 -20.93
CA GLN B 100 4.51 -14.58 -20.95
C GLN B 100 4.82 -15.40 -19.68
C GLN B 100 4.83 -15.37 -19.68
N ASP B 101 6.05 -15.18 -19.17
CA ASP B 101 6.48 -15.84 -17.96
C ASP B 101 5.63 -15.39 -16.76
N TYR B 102 5.30 -14.10 -16.69
CA TYR B 102 4.49 -13.60 -15.60
C TYR B 102 3.00 -14.02 -15.72
N GLU B 103 2.49 -14.11 -16.96
CA GLU B 103 1.14 -14.66 -17.16
C GLU B 103 1.12 -16.11 -16.65
N TYR B 104 2.17 -16.87 -16.96
CA TYR B 104 2.22 -18.24 -16.47
C TYR B 104 2.24 -18.29 -14.92
N LEU B 105 3.10 -17.49 -14.29
CA LEU B 105 3.17 -17.47 -12.84
C LEU B 105 1.82 -17.06 -12.25
N LEU B 106 1.20 -16.05 -12.82
CA LEU B 106 -0.07 -15.58 -12.27
C LEU B 106 -1.14 -16.70 -12.29
N ALA B 107 -1.22 -17.45 -13.39
CA ALA B 107 -2.17 -18.51 -13.47
C ALA B 107 -1.87 -19.60 -12.43
N GLU B 108 -0.58 -19.88 -12.22
CA GLU B 108 -0.19 -20.90 -11.25
C GLU B 108 -0.48 -20.40 -9.83
N PHE B 109 -0.26 -19.12 -9.57
CA PHE B 109 -0.62 -18.58 -8.25
C PHE B 109 -2.12 -18.67 -7.97
N LYS B 110 -2.92 -18.41 -8.99
CA LYS B 110 -4.36 -18.58 -8.85
C LYS B 110 -4.72 -20.04 -8.56
N LYS B 111 -4.05 -21.00 -9.20
CA LYS B 111 -4.35 -22.41 -8.87
C LYS B 111 -3.95 -22.74 -7.43
N LEU B 112 -2.84 -22.17 -7.00
CA LEU B 112 -2.37 -22.36 -5.64
C LEU B 112 -3.39 -21.80 -4.66
N ASN B 113 -3.91 -20.59 -4.94
CA ASN B 113 -4.91 -20.02 -4.05
C ASN B 113 -6.17 -20.90 -3.95
N GLU B 114 -6.67 -21.39 -5.08
CA GLU B 114 -7.84 -22.25 -5.06
C GLU B 114 -7.58 -23.47 -4.16
N ALA B 115 -6.43 -24.09 -4.38
CA ALA B 115 -6.08 -25.29 -3.64
C ALA B 115 -5.98 -24.95 -2.17
N ALA B 116 -5.45 -23.78 -1.87
CA ALA B 116 -5.27 -23.38 -0.48
C ALA B 116 -6.61 -23.11 0.22
N GLU B 117 -7.53 -22.45 -0.48
CA GLU B 117 -8.83 -22.17 0.11
C GLU B 117 -9.59 -23.50 0.35
N LYS B 118 -9.44 -24.47 -0.56
CA LYS B 118 -10.12 -25.75 -0.37
C LYS B 118 -9.61 -26.49 0.87
N GLU B 119 -8.30 -26.40 1.09
CA GLU B 119 -7.67 -27.02 2.24
C GLU B 119 -7.76 -26.18 3.53
N SER B 120 -8.48 -25.07 3.47
CA SER B 120 -8.53 -24.09 4.59
C SER B 120 -7.13 -23.70 5.07
N ASP B 121 -6.21 -23.51 4.14
CA ASP B 121 -4.83 -23.20 4.48
C ASP B 121 -4.66 -21.70 4.28
N THR B 122 -4.96 -20.90 5.32
CA THR B 122 -4.91 -19.44 5.22
C THR B 122 -3.51 -18.89 4.94
N THR B 123 -2.51 -19.59 5.44
CA THR B 123 -1.14 -19.14 5.20
C THR B 123 -0.70 -19.24 3.76
N THR B 124 -0.92 -20.40 3.16
CA THR B 124 -0.62 -20.56 1.74
C THR B 124 -1.51 -19.66 0.90
N ALA B 125 -2.79 -19.49 1.27
CA ALA B 125 -3.65 -18.59 0.50
C ALA B 125 -3.12 -17.16 0.54
N ALA B 126 -2.68 -16.69 1.71
CA ALA B 126 -2.16 -15.32 1.81
C ALA B 126 -0.93 -15.14 0.91
N PHE B 127 -0.07 -16.15 0.89
CA PHE B 127 1.12 -16.17 0.04
C PHE B 127 0.73 -16.08 -1.43
N ALA B 128 -0.24 -16.88 -1.84
CA ALA B 128 -0.65 -16.87 -3.24
C ALA B 128 -1.26 -15.52 -3.59
N GLN B 129 -2.10 -14.97 -2.70
CA GLN B 129 -2.78 -13.71 -2.99
C GLN B 129 -1.83 -12.51 -3.05
N GLU B 130 -0.78 -12.51 -2.23
CA GLU B 130 0.20 -11.41 -2.30
C GLU B 130 0.90 -11.44 -3.64
N ASN B 131 1.17 -12.65 -4.12
CA ASN B 131 1.79 -12.77 -5.42
C ASN B 131 0.84 -12.44 -6.58
N ILE B 132 -0.43 -12.85 -6.47
CA ILE B 132 -1.43 -12.47 -7.47
C ILE B 132 -1.49 -10.96 -7.63
N ALA B 133 -1.49 -10.25 -6.50
CA ALA B 133 -1.54 -8.78 -6.54
C ALA B 133 -0.26 -8.21 -7.20
N LYS B 134 0.88 -8.75 -6.83
CA LYS B 134 2.17 -8.29 -7.38
C LYS B 134 2.20 -8.48 -8.90
N TYR B 135 1.79 -9.65 -9.38
CA TYR B 135 1.85 -9.91 -10.81
C TYR B 135 0.73 -9.20 -11.59
N GLU B 136 -0.41 -8.98 -10.95
CA GLU B 136 -1.46 -8.28 -11.68
C GLU B 136 -0.99 -6.85 -11.96
N LYS B 137 -0.33 -6.25 -10.97
CA LYS B 137 0.16 -4.89 -11.12
C LYS B 137 1.31 -4.83 -12.13
N SER B 138 2.25 -5.74 -12.02
CA SER B 138 3.38 -5.78 -12.90
C SER B 138 2.99 -6.08 -14.37
N LEU B 139 2.04 -7.01 -14.56
CA LEU B 139 1.52 -7.27 -15.91
C LEU B 139 0.79 -6.06 -16.53
N TRP B 140 0.11 -5.27 -15.70
CA TRP B 140 -0.47 -4.01 -16.19
C TRP B 140 0.65 -3.15 -16.79
N MSE B 141 1.72 -2.95 -16.03
CA MSE B 141 2.80 -2.05 -16.48
C MSE B 141 3.54 -2.64 -17.67
O MSE B 141 3.96 -1.91 -18.58
CB MSE B 141 3.78 -1.78 -15.34
CG MSE B 141 3.11 -1.20 -14.15
SE MSE B 141 4.49 -0.67 -12.87
CE MSE B 141 3.52 0.64 -11.86
N ILE B 142 3.74 -3.93 -17.66
CA ILE B 142 4.39 -4.58 -18.81
C ILE B 142 3.53 -4.45 -20.06
N GLY B 143 2.21 -4.64 -19.92
CA GLY B 143 1.30 -4.47 -21.04
C GLY B 143 1.43 -3.07 -21.64
N ALA B 144 1.50 -2.08 -20.77
CA ALA B 144 1.52 -0.71 -21.24
C ALA B 144 2.85 -0.44 -21.94
N THR B 145 3.92 -1.08 -21.45
CA THR B 145 5.24 -0.95 -22.03
C THR B 145 5.25 -1.44 -23.48
N LEU B 146 4.43 -2.45 -23.76
CA LEU B 146 4.40 -3.12 -25.07
C LEU B 146 3.41 -2.50 -26.02
N GLN B 147 2.48 -1.71 -25.49
CA GLN B 147 1.49 -1.03 -26.35
C GLN B 147 2.02 0.18 -27.13
N GLY B 148 1.28 0.57 -28.16
CA GLY B 148 1.42 1.89 -28.77
C GLY B 148 0.16 2.73 -28.52
N ALA B 149 0.30 4.04 -28.31
CA ALA B 149 -0.84 4.89 -27.89
C ALA B 149 -2.01 4.90 -28.88
N CYS B 150 -3.18 5.32 -28.38
CA CYS B 150 -4.30 5.72 -29.24
C CYS B 150 -4.17 7.19 -29.65
N MSE C 4 -22.67 -1.55 -7.10
CA MSE C 4 -21.88 -1.45 -8.31
C MSE C 4 -20.85 -2.60 -8.41
O MSE C 4 -20.48 -3.21 -7.41
CB MSE C 4 -21.19 -0.06 -8.46
CG MSE C 4 -21.33 0.92 -7.28
SE MSE C 4 -20.74 2.78 -7.62
CE MSE C 4 -21.77 3.06 -9.25
N SER C 5 -20.44 -2.90 -9.64
CA SER C 5 -19.35 -3.81 -9.90
C SER C 5 -18.07 -3.30 -9.24
N VAL C 6 -17.02 -4.10 -9.25
CA VAL C 6 -15.75 -3.68 -8.66
C VAL C 6 -15.21 -2.38 -9.29
N THR C 7 -15.20 -2.29 -10.61
N THR C 7 -15.21 -2.32 -10.61
CA THR C 7 -14.65 -1.09 -11.24
CA THR C 7 -14.72 -1.15 -11.33
C THR C 7 -15.55 0.13 -11.03
C THR C 7 -15.56 0.09 -11.01
N LYS C 8 -16.88 -0.07 -11.05
CA LYS C 8 -17.74 1.08 -10.82
C LYS C 8 -17.52 1.60 -9.42
N GLN C 9 -17.35 0.66 -8.48
CA GLN C 9 -17.08 1.04 -7.10
C GLN C 9 -15.69 1.67 -6.96
N LEU C 10 -14.65 1.13 -7.62
CA LEU C 10 -13.35 1.80 -7.62
C LEU C 10 -13.38 3.21 -8.16
N LEU C 11 -14.11 3.41 -9.26
CA LEU C 11 -14.26 4.75 -9.85
C LEU C 11 -15.00 5.70 -8.88
N GLN C 12 -16.00 5.20 -8.17
CA GLN C 12 -16.66 6.02 -7.16
C GLN C 12 -15.65 6.45 -6.07
N MSE C 13 -14.83 5.50 -5.64
CA MSE C 13 -13.85 5.79 -4.61
C MSE C 13 -12.77 6.71 -5.18
O MSE C 13 -12.21 7.50 -4.44
CB MSE C 13 -13.23 4.52 -4.02
CG MSE C 13 -14.24 3.43 -3.50
SE MSE C 13 -13.59 2.60 -1.80
CE MSE C 13 -13.21 4.42 -1.01
N GLN C 14 -12.45 6.60 -6.45
CA GLN C 14 -11.50 7.57 -7.04
C GLN C 14 -12.02 9.01 -6.91
N ALA C 15 -13.26 9.23 -7.32
CA ALA C 15 -13.92 10.54 -7.21
C ALA C 15 -13.93 10.99 -5.75
N ASP C 16 -14.24 10.08 -4.82
CA ASP C 16 -14.35 10.47 -3.42
C ASP C 16 -13.02 10.82 -2.78
N ALA C 17 -11.97 10.07 -3.12
CA ALA C 17 -10.62 10.38 -2.65
C ALA C 17 -10.19 11.75 -3.12
N HIS C 18 -10.53 12.10 -4.35
CA HIS C 18 -10.23 13.45 -4.86
C HIS C 18 -10.97 14.49 -4.02
N HIS C 19 -12.25 14.23 -3.78
CA HIS C 19 -13.06 15.18 -3.03
C HIS C 19 -12.54 15.41 -1.60
N LEU C 20 -12.16 14.32 -0.95
CA LEU C 20 -11.60 14.38 0.41
C LEU C 20 -10.22 15.01 0.43
N TRP C 21 -9.46 14.81 -0.62
CA TRP C 21 -8.17 15.48 -0.72
C TRP C 21 -8.37 17.00 -0.68
N VAL C 22 -9.34 17.48 -1.45
CA VAL C 22 -9.61 18.90 -1.43
C VAL C 22 -10.11 19.33 -0.06
N LYS C 23 -11.08 18.59 0.49
CA LYS C 23 -11.69 18.97 1.76
C LYS C 23 -10.69 18.98 2.90
N PHE C 24 -9.82 17.96 2.93
CA PHE C 24 -8.86 17.88 4.00
C PHE C 24 -7.89 19.07 3.95
N HIS C 25 -7.66 19.66 2.78
CA HIS C 25 -6.87 20.90 2.70
C HIS C 25 -7.62 22.03 3.37
N ASN C 26 -8.92 22.10 3.13
CA ASN C 26 -9.75 23.09 3.81
C ASN C 26 -9.58 22.97 5.35
N TYR C 27 -9.68 21.75 5.92
CA TYR C 27 -9.47 21.57 7.37
C TYR C 27 -8.04 22.02 7.77
N HIS C 28 -7.08 21.65 6.93
CA HIS C 28 -5.65 21.89 7.15
C HIS C 28 -5.35 23.37 7.21
N TRP C 29 -5.97 24.15 6.32
CA TRP C 29 -5.70 25.58 6.25
C TRP C 29 -6.49 26.35 7.28
N ASN C 30 -7.71 25.90 7.54
CA ASN C 30 -8.71 26.82 8.11
C ASN C 30 -9.11 26.55 9.55
N VAL C 31 -8.49 25.55 10.18
CA VAL C 31 -8.70 25.30 11.61
C VAL C 31 -8.15 26.46 12.45
N LYS C 32 -8.82 26.77 13.55
CA LYS C 32 -8.37 27.85 14.44
C LYS C 32 -8.45 27.35 15.87
N GLY C 33 -7.51 27.77 16.71
CA GLY C 33 -7.57 27.40 18.10
C GLY C 33 -6.33 26.68 18.54
N LEU C 34 -6.28 26.38 19.84
CA LEU C 34 -5.04 26.02 20.49
C LEU C 34 -4.34 24.82 19.85
N GLN C 35 -5.13 23.87 19.36
CA GLN C 35 -4.60 22.68 18.70
C GLN C 35 -4.35 22.86 17.21
N PHE C 36 -4.24 24.11 16.78
CA PHE C 36 -4.00 24.36 15.35
C PHE C 36 -2.93 23.47 14.75
N PHE C 37 -1.74 23.43 15.38
CA PHE C 37 -0.62 22.75 14.72
C PHE C 37 -0.80 21.23 14.62
N SER C 38 -1.27 20.59 15.69
CA SER C 38 -1.52 19.16 15.56
C SER C 38 -2.61 18.83 14.53
N ILE C 39 -3.66 19.61 14.45
CA ILE C 39 -4.69 19.39 13.40
C ILE C 39 -4.13 19.65 12.01
N HIS C 40 -3.32 20.69 11.91
CA HIS C 40 -2.68 21.02 10.65
C HIS C 40 -1.82 19.82 10.22
N GLU C 41 -1.04 19.27 11.14
CA GLU C 41 -0.19 18.11 10.82
C GLU C 41 -0.99 16.83 10.53
N TYR C 42 -2.00 16.56 11.34
CA TYR C 42 -2.82 15.37 11.12
C TYR C 42 -3.52 15.43 9.75
N THR C 43 -4.06 16.60 9.39
CA THR C 43 -4.82 16.70 8.17
C THR C 43 -3.90 16.64 6.96
N GLU C 44 -2.63 16.98 7.17
CA GLU C 44 -1.65 16.93 6.09
C GLU C 44 -1.35 15.47 5.75
N LYS C 45 -1.18 14.67 6.79
CA LYS C 45 -1.02 13.25 6.61
C LYS C 45 -2.28 12.69 5.96
N ALA C 46 -3.45 13.14 6.41
CA ALA C 46 -4.70 12.66 5.83
C ALA C 46 -4.84 12.97 4.32
N TYR C 47 -4.49 14.19 3.88
CA TYR C 47 -4.64 14.44 2.46
C TYR C 47 -3.61 13.68 1.64
N GLU C 48 -2.44 13.47 2.19
CA GLU C 48 -1.45 12.67 1.48
C GLU C 48 -2.00 11.24 1.32
N GLU C 49 -2.64 10.73 2.36
CA GLU C 49 -3.34 9.46 2.21
C GLU C 49 -4.46 9.47 1.15
N MSE C 50 -5.20 10.56 1.03
CA MSE C 50 -6.23 10.65 0.01
C MSE C 50 -5.62 10.70 -1.39
O MSE C 50 -6.17 10.16 -2.33
CB MSE C 50 -7.16 11.88 0.22
CG MSE C 50 -8.02 11.83 1.51
SE MSE C 50 -9.15 10.19 1.51
CE MSE C 50 -7.88 8.91 2.36
N ALA C 51 -4.48 11.38 -1.52
CA ALA C 51 -3.81 11.40 -2.82
C ALA C 51 -3.32 10.00 -3.21
N GLU C 52 -2.77 9.25 -2.26
N GLU C 52 -2.78 9.25 -2.25
CA GLU C 52 -2.39 7.87 -2.54
CA GLU C 52 -2.39 7.87 -2.49
C GLU C 52 -3.61 7.03 -2.90
C GLU C 52 -3.61 7.03 -2.89
N LEU C 53 -4.70 7.17 -2.12
CA LEU C 53 -5.94 6.45 -2.41
C LEU C 53 -6.45 6.73 -3.85
N PHE C 54 -6.46 7.99 -4.24
CA PHE C 54 -6.88 8.40 -5.60
C PHE C 54 -6.10 7.69 -6.67
N ASP C 55 -4.78 7.63 -6.51
CA ASP C 55 -3.90 6.98 -7.49
C ASP C 55 -4.12 5.46 -7.51
N SER C 56 -4.27 4.87 -6.32
CA SER C 56 -4.45 3.41 -6.19
C SER C 56 -5.78 2.94 -6.81
N CYS C 57 -6.86 3.68 -6.56
CA CYS C 57 -8.13 3.31 -7.15
C CYS C 57 -8.02 3.38 -8.67
N ALA C 58 -7.46 4.48 -9.16
CA ALA C 58 -7.33 4.67 -10.60
C ALA C 58 -6.50 3.53 -11.22
N GLU C 59 -5.35 3.22 -10.63
CA GLU C 59 -4.50 2.21 -11.20
C GLU C 59 -5.11 0.80 -11.06
N ARG C 60 -5.91 0.56 -10.03
CA ARG C 60 -6.59 -0.73 -9.98
C ARG C 60 -7.59 -0.85 -11.12
N VAL C 61 -8.29 0.24 -11.40
CA VAL C 61 -9.20 0.28 -12.54
C VAL C 61 -8.48 -0.03 -13.85
N LEU C 62 -7.32 0.59 -14.06
CA LEU C 62 -6.50 0.35 -15.25
C LEU C 62 -6.06 -1.14 -15.36
N GLN C 63 -5.68 -1.71 -14.23
CA GLN C 63 -5.31 -3.13 -14.17
C GLN C 63 -6.50 -4.01 -14.61
N LEU C 64 -7.71 -3.58 -14.27
CA LEU C 64 -8.91 -4.37 -14.56
C LEU C 64 -9.43 -4.17 -15.95
N GLY C 65 -8.70 -3.40 -16.74
CA GLY C 65 -9.02 -3.20 -18.14
C GLY C 65 -9.91 -2.03 -18.45
N GLU C 66 -10.14 -1.15 -17.47
CA GLU C 66 -11.02 -0.01 -17.70
C GLU C 66 -10.22 1.30 -17.62
N LYS C 67 -10.86 2.42 -17.95
CA LYS C 67 -10.22 3.72 -17.90
C LYS C 67 -10.48 4.39 -16.55
N ALA C 68 -9.44 4.92 -15.92
CA ALA C 68 -9.65 5.80 -14.75
C ALA C 68 -10.36 7.11 -15.13
N ILE C 69 -10.90 7.83 -14.16
CA ILE C 69 -11.39 9.19 -14.41
C ILE C 69 -10.22 10.16 -14.64
N THR C 70 -10.20 10.88 -15.76
CA THR C 70 -9.15 11.90 -15.98
C THR C 70 -9.63 13.38 -16.01
N CYS C 71 -10.93 13.58 -16.11
CA CYS C 71 -11.53 14.93 -16.17
C CYS C 71 -12.04 15.40 -14.78
N GLN C 72 -11.57 16.55 -14.31
CA GLN C 72 -11.91 17.03 -12.97
C GLN C 72 -13.39 17.33 -12.85
N LYS C 73 -14.02 17.55 -14.00
CA LYS C 73 -15.45 17.80 -14.02
C LYS C 73 -16.20 16.51 -13.66
N VAL C 74 -15.81 15.40 -14.26
CA VAL C 74 -16.33 14.10 -13.84
C VAL C 74 -16.03 13.84 -12.36
N LEU C 75 -14.80 14.13 -11.92
CA LEU C 75 -14.45 13.90 -10.50
C LEU C 75 -15.41 14.68 -9.60
N MSE C 76 -15.65 15.94 -9.98
CA MSE C 76 -16.57 16.76 -9.20
C MSE C 76 -18.01 16.21 -9.15
O MSE C 76 -18.61 16.13 -8.08
CB MSE C 76 -16.60 18.20 -9.75
CG MSE C 76 -17.56 19.07 -9.00
SE MSE C 76 -17.69 20.81 -9.85
CE MSE C 76 -18.42 20.25 -11.59
N GLU C 77 -18.52 15.82 -10.31
CA GLU C 77 -19.89 15.34 -10.41
C GLU C 77 -20.16 13.99 -9.72
N ASN C 78 -19.14 13.14 -9.67
CA ASN C 78 -19.31 11.80 -9.11
C ASN C 78 -19.07 11.70 -7.63
N ALA C 79 -18.48 12.73 -7.02
CA ALA C 79 -18.16 12.65 -5.58
C ALA C 79 -19.44 12.61 -4.73
N LYS C 80 -19.45 11.78 -3.70
CA LYS C 80 -20.62 11.62 -2.84
C LYS C 80 -20.30 11.67 -1.35
N SER C 81 -19.03 11.97 -1.02
CA SER C 81 -18.63 12.06 0.38
C SER C 81 -19.23 13.36 0.94
N PRO C 82 -19.28 13.50 2.27
CA PRO C 82 -20.06 14.59 2.88
C PRO C 82 -19.67 15.96 2.40
N LYS C 83 -20.66 16.76 2.06
CA LYS C 83 -20.43 18.13 1.67
C LYS C 83 -20.10 19.04 2.87
N VAL C 84 -19.14 19.92 2.67
CA VAL C 84 -18.75 20.85 3.70
C VAL C 84 -18.93 22.28 3.18
N ALA C 85 -19.76 23.06 3.84
CA ALA C 85 -19.92 24.45 3.37
C ALA C 85 -18.92 25.42 4.01
N LYS C 86 -18.47 25.09 5.21
CA LYS C 86 -17.65 26.01 5.97
C LYS C 86 -16.22 26.14 5.45
N ASP C 87 -15.55 27.20 5.89
CA ASP C 87 -14.16 27.45 5.57
C ASP C 87 -13.45 28.00 6.80
N CYS C 88 -13.94 27.62 7.97
CA CYS C 88 -13.33 28.00 9.23
C CYS C 88 -13.82 27.01 10.28
N PHE C 89 -12.94 26.51 11.15
CA PHE C 89 -13.26 25.37 12.04
C PHE C 89 -12.55 25.47 13.38
N THR C 90 -13.17 24.92 14.42
CA THR C 90 -12.47 24.64 15.68
C THR C 90 -11.82 23.28 15.58
N PRO C 91 -10.85 23.00 16.45
CA PRO C 91 -10.22 21.67 16.32
C PRO C 91 -11.25 20.55 16.53
N LEU C 92 -12.14 20.71 17.50
CA LEU C 92 -13.17 19.68 17.69
C LEU C 92 -14.09 19.50 16.47
N GLU C 93 -14.44 20.60 15.79
N GLU C 93 -14.41 20.61 15.81
CA GLU C 93 -15.28 20.50 14.60
CA GLU C 93 -15.24 20.59 14.62
C GLU C 93 -14.60 19.70 13.50
C GLU C 93 -14.58 19.70 13.56
N VAL C 94 -13.31 19.99 13.29
CA VAL C 94 -12.52 19.24 12.33
C VAL C 94 -12.51 17.74 12.64
N ILE C 95 -12.32 17.40 13.91
CA ILE C 95 -12.27 15.98 14.30
C ILE C 95 -13.63 15.30 14.09
N GLU C 96 -14.71 16.02 14.36
N GLU C 96 -14.71 16.03 14.34
CA GLU C 96 -16.04 15.52 14.07
CA GLU C 96 -16.05 15.54 14.10
C GLU C 96 -16.22 15.28 12.58
C GLU C 96 -16.34 15.35 12.60
N LEU C 97 -15.84 16.28 11.78
CA LEU C 97 -16.01 16.19 10.34
C LEU C 97 -15.17 15.04 9.74
N ILE C 98 -13.93 14.90 10.19
CA ILE C 98 -13.09 13.76 9.82
C ILE C 98 -13.73 12.42 10.19
N LYS C 99 -14.29 12.31 11.39
CA LYS C 99 -15.00 11.09 11.78
C LYS C 99 -16.09 10.76 10.74
N GLN C 100 -16.88 11.76 10.35
CA GLN C 100 -17.92 11.53 9.37
C GLN C 100 -17.35 11.16 7.99
N ASP C 101 -16.26 11.82 7.58
CA ASP C 101 -15.57 11.42 6.35
C ASP C 101 -15.05 9.98 6.43
N TYR C 102 -14.44 9.61 7.56
CA TYR C 102 -13.89 8.28 7.71
C TYR C 102 -14.97 7.16 7.78
N GLU C 103 -16.12 7.50 8.37
CA GLU C 103 -17.25 6.60 8.38
C GLU C 103 -17.74 6.36 6.96
N TYR C 104 -17.77 7.42 6.17
CA TYR C 104 -18.18 7.32 4.79
C TYR C 104 -17.20 6.39 4.08
N LEU C 105 -15.89 6.67 4.18
CA LEU C 105 -14.90 5.81 3.52
C LEU C 105 -15.02 4.36 3.98
N LEU C 106 -15.13 4.16 5.29
CA LEU C 106 -15.19 2.80 5.82
C LEU C 106 -16.38 2.06 5.19
N ALA C 107 -17.54 2.70 5.11
CA ALA C 107 -18.70 2.04 4.48
C ALA C 107 -18.45 1.77 2.99
N GLU C 108 -17.77 2.69 2.32
CA GLU C 108 -17.46 2.48 0.92
C GLU C 108 -16.44 1.34 0.72
N PHE C 109 -15.40 1.27 1.56
CA PHE C 109 -14.49 0.13 1.51
C PHE C 109 -15.19 -1.23 1.79
N LYS C 110 -16.18 -1.23 2.66
CA LYS C 110 -16.91 -2.47 2.87
C LYS C 110 -17.72 -2.84 1.62
N LYS C 111 -18.33 -1.86 0.96
CA LYS C 111 -19.00 -2.15 -0.31
C LYS C 111 -18.01 -2.68 -1.35
N LEU C 112 -16.81 -2.10 -1.40
CA LEU C 112 -15.80 -2.55 -2.34
C LEU C 112 -15.38 -3.99 -2.08
N ASN C 113 -15.21 -4.33 -0.80
CA ASN C 113 -14.86 -5.69 -0.41
C ASN C 113 -15.92 -6.72 -0.83
N GLU C 114 -17.19 -6.44 -0.54
CA GLU C 114 -18.28 -7.33 -0.94
C GLU C 114 -18.26 -7.51 -2.45
N ALA C 115 -18.20 -6.40 -3.17
CA ALA C 115 -18.08 -6.46 -4.63
C ALA C 115 -16.89 -7.32 -5.03
N ALA C 116 -15.73 -7.09 -4.43
CA ALA C 116 -14.53 -7.87 -4.78
C ALA C 116 -14.71 -9.36 -4.50
N GLU C 117 -15.22 -9.69 -3.31
CA GLU C 117 -15.49 -11.09 -2.95
C GLU C 117 -16.41 -11.79 -3.98
N LYS C 118 -17.47 -11.09 -4.42
CA LYS C 118 -18.39 -11.68 -5.39
C LYS C 118 -17.70 -12.00 -6.71
N GLU C 119 -16.76 -11.15 -7.11
CA GLU C 119 -16.03 -11.34 -8.36
C GLU C 119 -14.77 -12.18 -8.19
N SER C 120 -14.59 -12.77 -7.01
CA SER C 120 -13.36 -13.53 -6.70
C SER C 120 -12.10 -12.73 -7.01
N ASP C 121 -12.16 -11.42 -6.75
CA ASP C 121 -11.04 -10.54 -7.05
C ASP C 121 -10.22 -10.40 -5.77
N THR C 122 -9.25 -11.29 -5.55
CA THR C 122 -8.50 -11.23 -4.30
C THR C 122 -7.65 -9.96 -4.10
N THR C 123 -7.19 -9.38 -5.18
CA THR C 123 -6.32 -8.23 -5.09
C THR C 123 -7.13 -7.05 -4.58
N THR C 124 -8.23 -6.73 -5.24
CA THR C 124 -9.09 -5.66 -4.77
C THR C 124 -9.64 -5.91 -3.34
N ALA C 125 -10.00 -7.16 -3.07
CA ALA C 125 -10.47 -7.53 -1.75
C ALA C 125 -9.41 -7.23 -0.69
N ALA C 126 -8.16 -7.60 -0.95
CA ALA C 126 -7.10 -7.37 0.02
C ALA C 126 -6.90 -5.87 0.21
N PHE C 127 -6.97 -5.13 -0.87
CA PHE C 127 -6.86 -3.67 -0.81
C PHE C 127 -8.00 -3.06 0.06
N ALA C 128 -9.25 -3.51 -0.16
CA ALA C 128 -10.40 -3.07 0.65
C ALA C 128 -10.22 -3.37 2.17
N GLN C 129 -9.71 -4.55 2.46
CA GLN C 129 -9.67 -5.04 3.84
C GLN C 129 -8.55 -4.38 4.63
N GLU C 130 -7.49 -4.04 3.92
CA GLU C 130 -6.37 -3.35 4.50
C GLU C 130 -6.85 -1.97 4.93
N ASN C 131 -7.64 -1.33 4.08
CA ASN C 131 -8.19 -0.03 4.44
C ASN C 131 -9.31 -0.13 5.50
N ILE C 132 -10.08 -1.21 5.47
CA ILE C 132 -11.12 -1.41 6.48
C ILE C 132 -10.44 -1.45 7.85
N ALA C 133 -9.32 -2.16 7.93
CA ALA C 133 -8.57 -2.30 9.18
C ALA C 133 -8.05 -0.93 9.63
N LYS C 134 -7.54 -0.15 8.66
CA LYS C 134 -6.97 1.18 8.94
C LYS C 134 -8.04 2.11 9.50
N TYR C 135 -9.21 2.16 8.86
CA TYR C 135 -10.24 3.08 9.31
C TYR C 135 -10.96 2.65 10.58
N GLU C 136 -11.07 1.34 10.81
CA GLU C 136 -11.65 0.87 12.06
C GLU C 136 -10.77 1.25 13.25
N LYS C 137 -9.47 1.13 13.09
CA LYS C 137 -8.57 1.56 14.13
C LYS C 137 -8.63 3.09 14.35
N SER C 138 -8.52 3.88 13.29
CA SER C 138 -8.58 5.34 13.40
C SER C 138 -9.90 5.78 13.99
N LEU C 139 -10.97 5.17 13.55
CA LEU C 139 -12.27 5.62 13.99
C LEU C 139 -12.42 5.35 15.48
N TRP C 140 -11.78 4.28 15.97
CA TRP C 140 -11.82 4.04 17.40
C TRP C 140 -11.15 5.20 18.15
N MSE C 141 -9.98 5.59 17.69
CA MSE C 141 -9.21 6.63 18.36
C MSE C 141 -9.92 7.95 18.27
O MSE C 141 -9.94 8.72 19.21
CB MSE C 141 -7.82 6.72 17.74
CG MSE C 141 -7.01 5.46 18.01
SE MSE C 141 -5.18 5.73 17.40
CE MSE C 141 -5.52 6.02 15.50
N ILE C 142 -10.47 8.22 17.09
CA ILE C 142 -11.21 9.46 16.90
C ILE C 142 -12.42 9.53 17.82
N GLY C 143 -13.09 8.40 17.98
CA GLY C 143 -14.25 8.33 18.84
C GLY C 143 -13.82 8.63 20.27
N ALA C 144 -12.69 8.09 20.68
CA ALA C 144 -12.23 8.28 22.05
C ALA C 144 -11.84 9.72 22.25
N THR C 145 -11.34 10.33 21.17
CA THR C 145 -10.91 11.72 21.24
C THR C 145 -12.10 12.71 21.45
N LEU C 146 -13.24 12.37 20.88
CA LEU C 146 -14.45 13.21 20.96
C LEU C 146 -15.25 12.96 22.22
N GLN C 147 -14.97 11.85 22.92
CA GLN C 147 -15.73 11.50 24.13
C GLN C 147 -15.39 12.29 25.38
N GLY C 148 -16.32 12.25 26.33
CA GLY C 148 -16.06 12.64 27.71
C GLY C 148 -16.00 11.37 28.57
N ALA C 149 -15.22 11.40 29.64
CA ALA C 149 -14.99 10.17 30.41
C ALA C 149 -16.16 9.86 31.36
N CYS C 150 -16.36 8.57 31.65
CA CYS C 150 -17.50 8.20 32.50
C CYS C 150 -16.98 7.69 33.84
N ALA D 3 -21.85 -12.00 17.95
CA ALA D 3 -20.70 -11.08 17.89
C ALA D 3 -19.82 -11.18 19.14
N MSE D 4 -20.44 -11.63 20.23
CA MSE D 4 -19.71 -11.81 21.47
C MSE D 4 -18.63 -12.88 21.32
O MSE D 4 -17.68 -12.88 22.06
CB MSE D 4 -20.66 -12.15 22.62
CG MSE D 4 -20.60 -11.16 23.81
SE MSE D 4 -20.86 -9.28 23.30
CE MSE D 4 -21.14 -8.50 25.07
N SER D 5 -18.75 -13.80 20.36
CA SER D 5 -17.71 -14.85 20.29
C SER D 5 -16.37 -14.31 19.78
N VAL D 6 -16.38 -13.31 18.92
CA VAL D 6 -15.09 -12.73 18.55
C VAL D 6 -14.44 -12.03 19.74
N THR D 7 -15.19 -11.20 20.47
CA THR D 7 -14.60 -10.46 21.57
C THR D 7 -14.27 -11.41 22.74
N LYS D 8 -15.05 -12.46 22.90
CA LYS D 8 -14.70 -13.49 23.90
C LYS D 8 -13.36 -14.13 23.57
N GLN D 9 -13.17 -14.51 22.32
CA GLN D 9 -11.88 -15.10 21.97
C GLN D 9 -10.68 -14.09 22.05
N LEU D 10 -10.89 -12.82 21.68
CA LEU D 10 -9.84 -11.79 21.82
C LEU D 10 -9.45 -11.62 23.29
N LEU D 11 -10.44 -11.64 24.16
CA LEU D 11 -10.23 -11.53 25.61
C LEU D 11 -9.50 -12.75 26.19
N GLN D 12 -9.89 -13.96 25.75
CA GLN D 12 -9.08 -15.15 26.07
C GLN D 12 -7.60 -14.93 25.64
N MSE D 13 -7.39 -14.47 24.41
CA MSE D 13 -6.03 -14.29 23.92
C MSE D 13 -5.28 -13.21 24.70
O MSE D 13 -4.07 -13.31 24.87
CB MSE D 13 -6.00 -14.03 22.39
CG MSE D 13 -6.77 -15.09 21.56
SE MSE D 13 -5.91 -15.62 19.85
CE MSE D 13 -4.19 -16.05 20.72
N GLN D 14 -5.99 -12.17 25.13
CA GLN D 14 -5.36 -11.11 25.91
C GLN D 14 -4.80 -11.71 27.19
N ALA D 15 -5.60 -12.54 27.85
CA ALA D 15 -5.15 -13.16 29.08
C ALA D 15 -4.00 -14.15 28.85
N ASP D 16 -4.04 -14.88 27.74
CA ASP D 16 -2.97 -15.84 27.45
C ASP D 16 -1.70 -15.12 27.07
N ALA D 17 -1.83 -14.03 26.31
CA ALA D 17 -0.69 -13.23 25.96
C ALA D 17 0.00 -12.72 27.23
N HIS D 18 -0.78 -12.22 28.17
CA HIS D 18 -0.18 -11.79 29.45
C HIS D 18 0.57 -12.97 30.14
N HIS D 19 -0.11 -14.10 30.18
CA HIS D 19 0.46 -15.28 30.80
C HIS D 19 1.78 -15.70 30.16
N LEU D 20 1.81 -15.71 28.82
CA LEU D 20 3.02 -16.13 28.11
C LEU D 20 4.12 -15.10 28.26
N TRP D 21 3.74 -13.83 28.39
CA TRP D 21 4.72 -12.75 28.62
C TRP D 21 5.42 -13.05 29.96
N VAL D 22 4.66 -13.37 30.99
CA VAL D 22 5.30 -13.72 32.26
C VAL D 22 6.13 -15.00 32.09
N LYS D 23 5.53 -16.04 31.51
CA LYS D 23 6.24 -17.33 31.34
C LYS D 23 7.54 -17.20 30.53
N PHE D 24 7.51 -16.42 29.46
CA PHE D 24 8.68 -16.27 28.61
C PHE D 24 9.81 -15.57 29.35
N HIS D 25 9.49 -14.65 30.28
CA HIS D 25 10.54 -14.14 31.19
C HIS D 25 11.19 -15.25 32.00
N ASN D 26 10.37 -16.17 32.50
CA ASN D 26 10.90 -17.33 33.23
C ASN D 26 11.95 -18.07 32.40
N TYR D 27 11.65 -18.37 31.14
CA TYR D 27 12.64 -19.05 30.27
C TYR D 27 13.91 -18.18 30.10
N HIS D 28 13.70 -16.88 29.92
CA HIS D 28 14.73 -15.85 29.62
C HIS D 28 15.70 -15.77 30.77
N TRP D 29 15.19 -15.87 31.98
CA TRP D 29 16.06 -15.67 33.15
C TRP D 29 16.74 -16.93 33.55
N ASN D 30 16.04 -18.04 33.41
CA ASN D 30 16.37 -19.22 34.18
C ASN D 30 16.93 -20.38 33.32
N VAL D 31 17.20 -20.11 32.07
CA VAL D 31 17.83 -21.13 31.24
C VAL D 31 19.28 -21.25 31.66
N LYS D 32 19.82 -22.46 31.56
CA LYS D 32 21.22 -22.71 31.95
C LYS D 32 21.86 -23.53 30.87
N GLY D 33 23.11 -23.24 30.54
CA GLY D 33 23.84 -24.13 29.64
C GLY D 33 24.50 -23.36 28.49
N LEU D 34 25.16 -24.06 27.58
CA LEU D 34 26.05 -23.40 26.65
C LEU D 34 25.31 -22.40 25.78
N GLN D 35 24.06 -22.71 25.44
CA GLN D 35 23.30 -21.83 24.55
C GLN D 35 22.51 -20.79 25.33
N PHE D 36 22.93 -20.53 26.57
CA PHE D 36 22.27 -19.54 27.40
C PHE D 36 21.98 -18.27 26.63
N PHE D 37 23.00 -17.71 26.02
CA PHE D 37 22.82 -16.38 25.47
C PHE D 37 21.84 -16.38 24.31
N SER D 38 21.91 -17.32 23.38
CA SER D 38 20.95 -17.26 22.28
C SER D 38 19.51 -17.55 22.74
N ILE D 39 19.33 -18.38 23.76
CA ILE D 39 17.97 -18.64 24.26
C ILE D 39 17.46 -17.39 24.95
N HIS D 40 18.35 -16.74 25.69
CA HIS D 40 18.04 -15.49 26.39
C HIS D 40 17.58 -14.43 25.39
N GLU D 41 18.33 -14.27 24.30
CA GLU D 41 17.96 -13.31 23.25
C GLU D 41 16.65 -13.73 22.56
N TYR D 42 16.52 -15.03 22.26
CA TYR D 42 15.30 -15.52 21.62
C TYR D 42 14.04 -15.27 22.44
N THR D 43 14.11 -15.56 23.73
CA THR D 43 12.92 -15.44 24.56
C THR D 43 12.62 -13.97 24.87
N GLU D 44 13.64 -13.13 24.73
CA GLU D 44 13.46 -11.70 24.90
C GLU D 44 12.61 -11.13 23.78
N LYS D 45 12.94 -11.49 22.55
CA LYS D 45 12.11 -11.15 21.40
C LYS D 45 10.72 -11.75 21.60
N ALA D 46 10.65 -12.98 22.08
CA ALA D 46 9.33 -13.61 22.25
C ALA D 46 8.48 -12.88 23.29
N TYR D 47 9.03 -12.49 24.42
CA TYR D 47 8.16 -11.79 25.38
C TYR D 47 7.75 -10.42 24.84
N GLU D 48 8.59 -9.80 24.02
CA GLU D 48 8.17 -8.54 23.40
C GLU D 48 6.98 -8.74 22.46
N GLU D 49 7.00 -9.82 21.68
CA GLU D 49 5.85 -10.16 20.86
C GLU D 49 4.61 -10.43 21.72
N MSE D 50 4.77 -11.05 22.87
CA MSE D 50 3.60 -11.26 23.71
C MSE D 50 3.06 -9.95 24.32
O MSE D 50 1.84 -9.77 24.47
CB MSE D 50 3.90 -12.23 24.84
CG MSE D 50 4.28 -13.64 24.36
SE MSE D 50 2.81 -14.51 23.43
CE MSE D 50 3.17 -13.91 21.57
N ALA D 51 3.94 -9.03 24.69
CA ALA D 51 3.44 -7.71 25.10
C ALA D 51 2.66 -7.03 23.96
N GLU D 52 3.19 -7.11 22.75
CA GLU D 52 2.49 -6.50 21.60
C GLU D 52 1.15 -7.21 21.38
N LEU D 53 1.16 -8.53 21.49
CA LEU D 53 -0.06 -9.28 21.29
C LEU D 53 -1.13 -8.93 22.34
N PHE D 54 -0.68 -8.79 23.59
CA PHE D 54 -1.53 -8.34 24.69
C PHE D 54 -2.25 -7.04 24.35
N ASP D 55 -1.48 -6.04 23.93
CA ASP D 55 -2.03 -4.74 23.55
C ASP D 55 -2.97 -4.78 22.36
N SER D 56 -2.59 -5.52 21.32
CA SER D 56 -3.41 -5.67 20.11
C SER D 56 -4.77 -6.31 20.37
N CYS D 57 -4.78 -7.38 21.17
CA CYS D 57 -6.03 -8.03 21.51
C CYS D 57 -6.92 -7.05 22.27
N ALA D 58 -6.37 -6.43 23.32
CA ALA D 58 -7.11 -5.44 24.09
C ALA D 58 -7.68 -4.34 23.17
N GLU D 59 -6.84 -3.75 22.33
CA GLU D 59 -7.31 -2.64 21.51
C GLU D 59 -8.34 -3.06 20.46
N ARG D 60 -8.23 -4.27 19.96
CA ARG D 60 -9.26 -4.77 19.05
C ARG D 60 -10.62 -4.93 19.74
N VAL D 61 -10.61 -5.45 20.98
CA VAL D 61 -11.82 -5.53 21.80
C VAL D 61 -12.46 -4.15 21.96
N LEU D 62 -11.63 -3.15 22.24
CA LEU D 62 -12.11 -1.77 22.44
C LEU D 62 -12.73 -1.21 21.16
N GLN D 63 -12.06 -1.44 20.02
CA GLN D 63 -12.60 -1.07 18.71
C GLN D 63 -13.95 -1.73 18.48
N LEU D 64 -14.12 -2.96 18.98
CA LEU D 64 -15.37 -3.71 18.80
C LEU D 64 -16.43 -3.35 19.83
N GLY D 65 -16.14 -2.35 20.64
CA GLY D 65 -17.12 -1.79 21.56
C GLY D 65 -17.24 -2.48 22.90
N GLU D 66 -16.25 -3.31 23.21
CA GLU D 66 -16.22 -3.98 24.52
C GLU D 66 -15.08 -3.50 25.40
N LYS D 67 -15.02 -4.02 26.62
CA LYS D 67 -13.97 -3.59 27.53
C LYS D 67 -12.86 -4.63 27.55
N ALA D 68 -11.61 -4.18 27.43
CA ALA D 68 -10.46 -5.06 27.60
C ALA D 68 -10.36 -5.42 29.08
N ILE D 69 -9.57 -6.42 29.42
CA ILE D 69 -9.35 -6.77 30.82
C ILE D 69 -8.32 -5.82 31.37
N THR D 70 -8.56 -5.26 32.55
CA THR D 70 -7.60 -4.31 33.13
C THR D 70 -7.12 -4.78 34.51
N CYS D 71 -7.64 -5.89 35.00
CA CYS D 71 -7.32 -6.40 36.34
C CYS D 71 -6.39 -7.64 36.30
N GLN D 72 -5.27 -7.55 36.99
CA GLN D 72 -4.30 -8.64 37.12
C GLN D 72 -5.00 -9.92 37.47
N LYS D 73 -5.94 -9.83 38.39
CA LYS D 73 -6.62 -11.00 38.91
C LYS D 73 -7.42 -11.69 37.83
N VAL D 74 -8.18 -10.92 37.07
CA VAL D 74 -8.90 -11.46 35.93
C VAL D 74 -7.94 -12.08 34.91
N LEU D 75 -6.82 -11.42 34.63
CA LEU D 75 -5.84 -11.98 33.69
C LEU D 75 -5.37 -13.35 34.16
N MSE D 76 -5.11 -13.44 35.45
CA MSE D 76 -4.56 -14.66 36.00
C MSE D 76 -5.60 -15.78 35.90
O MSE D 76 -5.32 -16.87 35.38
CB MSE D 76 -4.13 -14.41 37.45
CG MSE D 76 -3.47 -15.62 38.05
SE MSE D 76 -3.36 -15.55 39.97
CE MSE D 76 -5.24 -15.56 40.39
N GLU D 77 -6.82 -15.48 36.34
CA GLU D 77 -7.92 -16.44 36.37
C GLU D 77 -8.32 -16.94 34.99
N ASN D 78 -8.12 -16.12 33.98
CA ASN D 78 -8.67 -16.47 32.70
C ASN D 78 -7.65 -17.21 31.83
N ALA D 79 -6.37 -17.09 32.17
CA ALA D 79 -5.29 -17.71 31.42
C ALA D 79 -5.47 -19.23 31.25
N LYS D 80 -5.24 -19.73 30.03
CA LYS D 80 -5.35 -21.15 29.80
C LYS D 80 -4.17 -21.79 29.05
N SER D 81 -3.13 -21.02 28.75
CA SER D 81 -1.96 -21.54 28.09
C SER D 81 -1.23 -22.44 29.09
N PRO D 82 -0.36 -23.32 28.59
CA PRO D 82 0.23 -24.36 29.44
C PRO D 82 0.93 -23.79 30.70
N LYS D 83 0.72 -24.42 31.84
CA LYS D 83 1.35 -23.93 33.06
C LYS D 83 2.72 -24.62 33.18
N VAL D 84 3.74 -23.93 33.66
CA VAL D 84 4.99 -24.65 33.95
C VAL D 84 5.35 -24.48 35.42
N ALA D 85 5.88 -25.55 36.02
CA ALA D 85 6.21 -25.51 37.44
C ALA D 85 7.68 -25.24 37.69
N LYS D 86 8.50 -25.32 36.64
CA LYS D 86 9.95 -25.18 36.78
C LYS D 86 10.39 -23.72 36.81
N ASP D 87 11.61 -23.51 37.29
CA ASP D 87 12.24 -22.19 37.27
C ASP D 87 13.70 -22.42 36.98
N CYS D 88 14.02 -23.53 36.31
CA CYS D 88 15.38 -23.76 35.84
C CYS D 88 15.28 -24.67 34.62
N PHE D 89 15.97 -24.37 33.53
CA PHE D 89 15.75 -25.09 32.27
C PHE D 89 17.04 -25.38 31.49
N THR D 90 17.09 -26.49 30.78
CA THR D 90 18.11 -26.60 29.75
C THR D 90 17.64 -25.88 28.50
N PRO D 91 18.57 -25.58 27.60
CA PRO D 91 18.16 -24.98 26.31
C PRO D 91 17.13 -25.86 25.58
N LEU D 92 17.39 -27.15 25.46
CA LEU D 92 16.42 -27.99 24.77
C LEU D 92 15.05 -28.01 25.45
N GLU D 93 15.03 -27.94 26.79
CA GLU D 93 13.79 -27.88 27.53
C GLU D 93 13.01 -26.62 27.19
N VAL D 94 13.70 -25.48 27.11
CA VAL D 94 13.01 -24.25 26.75
C VAL D 94 12.40 -24.35 25.35
N ILE D 95 13.17 -24.86 24.41
CA ILE D 95 12.69 -24.96 23.04
C ILE D 95 11.47 -25.88 22.95
N GLU D 96 11.51 -26.96 23.70
CA GLU D 96 10.35 -27.85 23.77
C GLU D 96 9.12 -27.20 24.43
N LEU D 97 9.33 -26.42 25.48
CA LEU D 97 8.24 -25.70 26.11
C LEU D 97 7.63 -24.64 25.22
N ILE D 98 8.50 -23.90 24.50
CA ILE D 98 8.05 -22.89 23.55
C ILE D 98 7.24 -23.52 22.43
N LYS D 99 7.66 -24.70 21.98
CA LYS D 99 6.90 -25.45 20.95
C LYS D 99 5.48 -25.66 21.41
N GLN D 100 5.33 -26.14 22.63
CA GLN D 100 4.03 -26.30 23.23
C GLN D 100 3.28 -24.94 23.37
N ASP D 101 3.97 -23.87 23.77
CA ASP D 101 3.29 -22.59 23.89
C ASP D 101 2.84 -22.06 22.51
N TYR D 102 3.67 -22.24 21.50
CA TYR D 102 3.33 -21.78 20.18
C TYR D 102 2.22 -22.62 19.55
N GLU D 103 2.22 -23.93 19.80
CA GLU D 103 1.10 -24.79 19.35
C GLU D 103 -0.22 -24.34 19.96
N TYR D 104 -0.19 -23.99 21.22
CA TYR D 104 -1.40 -23.47 21.85
C TYR D 104 -1.85 -22.15 21.18
N LEU D 105 -0.93 -21.20 21.01
CA LEU D 105 -1.24 -19.94 20.32
C LEU D 105 -1.83 -20.21 18.94
N LEU D 106 -1.18 -21.10 18.19
CA LEU D 106 -1.63 -21.41 16.83
C LEU D 106 -3.08 -21.92 16.82
N ALA D 107 -3.41 -22.83 17.74
CA ALA D 107 -4.78 -23.36 17.79
C ALA D 107 -5.77 -22.24 18.15
N GLU D 108 -5.37 -21.37 19.07
CA GLU D 108 -6.24 -20.30 19.50
C GLU D 108 -6.41 -19.24 18.37
N PHE D 109 -5.36 -18.96 17.61
CA PHE D 109 -5.53 -18.03 16.48
C PHE D 109 -6.46 -18.59 15.42
N LYS D 110 -6.45 -19.91 15.21
CA LYS D 110 -7.37 -20.50 14.23
C LYS D 110 -8.81 -20.44 14.75
N LYS D 111 -8.98 -20.60 16.05
CA LYS D 111 -10.29 -20.39 16.68
C LYS D 111 -10.78 -18.95 16.47
N LEU D 112 -9.87 -17.99 16.63
CA LEU D 112 -10.21 -16.59 16.41
C LEU D 112 -10.63 -16.34 14.96
N ASN D 113 -9.88 -16.94 14.04
CA ASN D 113 -10.18 -16.79 12.61
C ASN D 113 -11.59 -17.29 12.31
N GLU D 114 -11.95 -18.45 12.84
CA GLU D 114 -13.28 -18.99 12.61
C GLU D 114 -14.36 -18.06 13.15
N ALA D 115 -14.15 -17.57 14.36
CA ALA D 115 -15.14 -16.70 14.96
C ALA D 115 -15.24 -15.43 14.11
N ALA D 116 -14.11 -14.92 13.62
CA ALA D 116 -14.11 -13.74 12.75
C ALA D 116 -14.87 -14.02 11.46
N GLU D 117 -14.64 -15.20 10.89
CA GLU D 117 -15.34 -15.63 9.70
C GLU D 117 -16.87 -15.59 9.90
N LYS D 118 -17.35 -16.11 11.01
CA LYS D 118 -18.80 -16.20 11.20
C LYS D 118 -19.41 -14.80 11.31
N GLU D 119 -18.59 -13.83 11.69
CA GLU D 119 -19.09 -12.47 11.89
C GLU D 119 -18.74 -11.55 10.73
N SER D 120 -18.08 -12.11 9.72
CA SER D 120 -17.60 -11.30 8.60
C SER D 120 -16.65 -10.22 9.08
N ASP D 121 -15.86 -10.51 10.10
CA ASP D 121 -14.99 -9.49 10.66
C ASP D 121 -13.63 -9.59 9.98
N THR D 122 -13.44 -8.84 8.90
CA THR D 122 -12.21 -8.98 8.09
C THR D 122 -10.94 -8.50 8.80
N THR D 123 -11.07 -7.47 9.62
CA THR D 123 -9.94 -6.92 10.36
C THR D 123 -9.42 -7.95 11.37
N THR D 124 -10.32 -8.53 12.17
CA THR D 124 -9.89 -9.54 13.12
C THR D 124 -9.40 -10.79 12.43
N ALA D 125 -9.99 -11.13 11.27
CA ALA D 125 -9.58 -12.31 10.53
C ALA D 125 -8.16 -12.12 10.01
N ALA D 126 -7.88 -10.93 9.48
CA ALA D 126 -6.54 -10.61 8.99
C ALA D 126 -5.50 -10.69 10.11
N PHE D 127 -5.83 -10.12 11.27
CA PHE D 127 -4.98 -10.23 12.43
C PHE D 127 -4.74 -11.72 12.82
N ALA D 128 -5.79 -12.52 12.87
CA ALA D 128 -5.62 -13.93 13.16
C ALA D 128 -4.65 -14.60 12.18
N GLN D 129 -4.84 -14.32 10.88
CA GLN D 129 -4.14 -15.06 9.83
C GLN D 129 -2.67 -14.67 9.72
N GLU D 130 -2.36 -13.42 10.00
CA GLU D 130 -0.99 -12.98 10.03
C GLU D 130 -0.27 -13.74 11.11
N ASN D 131 -0.94 -13.93 12.24
CA ASN D 131 -0.34 -14.72 13.32
C ASN D 131 -0.25 -16.20 13.07
N ILE D 132 -1.27 -16.78 12.43
CA ILE D 132 -1.20 -18.18 12.02
C ILE D 132 0.04 -18.40 11.15
N ALA D 133 0.27 -17.51 10.17
CA ALA D 133 1.40 -17.67 9.26
C ALA D 133 2.73 -17.60 10.03
N LYS D 134 2.83 -16.61 10.90
CA LYS D 134 3.98 -16.41 11.78
C LYS D 134 4.28 -17.67 12.60
N TYR D 135 3.26 -18.25 13.24
CA TYR D 135 3.54 -19.39 14.10
C TYR D 135 3.73 -20.70 13.36
N GLU D 136 3.12 -20.86 12.18
CA GLU D 136 3.34 -22.11 11.44
C GLU D 136 4.80 -22.09 10.96
N LYS D 137 5.28 -20.91 10.61
CA LYS D 137 6.67 -20.80 10.22
C LYS D 137 7.64 -21.06 11.40
N SER D 138 7.40 -20.43 12.54
CA SER D 138 8.22 -20.68 13.72
C SER D 138 8.20 -22.13 14.18
N LEU D 139 7.02 -22.73 14.23
CA LEU D 139 6.89 -24.12 14.65
C LEU D 139 7.63 -25.06 13.73
N TRP D 140 7.71 -24.76 12.44
CA TRP D 140 8.50 -25.64 11.56
C TRP D 140 9.98 -25.61 12.02
N MSE D 141 10.46 -24.39 12.28
CA MSE D 141 11.84 -24.20 12.69
C MSE D 141 12.11 -24.81 14.04
O MSE D 141 13.13 -25.46 14.25
CB MSE D 141 12.19 -22.71 12.68
CG MSE D 141 12.22 -22.14 11.28
SE MSE D 141 12.99 -20.34 11.26
CE MSE D 141 11.43 -19.41 12.01
N ILE D 142 11.20 -24.58 14.99
CA ILE D 142 11.35 -25.20 16.29
C ILE D 142 11.34 -26.72 16.19
N GLY D 143 10.49 -27.31 15.35
CA GLY D 143 10.43 -28.77 15.28
C GLY D 143 11.74 -29.34 14.74
N ALA D 144 12.33 -28.63 13.79
CA ALA D 144 13.59 -29.06 13.19
C ALA D 144 14.75 -28.96 14.21
N THR D 145 14.65 -27.96 15.08
CA THR D 145 15.63 -27.73 16.13
C THR D 145 15.61 -28.88 17.15
N LEU D 146 14.43 -29.45 17.38
CA LEU D 146 14.29 -30.56 18.35
C LEU D 146 14.56 -31.95 17.78
N GLN D 147 14.52 -32.08 16.46
CA GLN D 147 14.66 -33.38 15.82
C GLN D 147 16.10 -33.85 15.66
N GLY D 148 16.27 -35.16 15.50
CA GLY D 148 17.57 -35.73 15.12
C GLY D 148 17.53 -36.04 13.63
N ALA D 149 18.69 -36.08 12.96
CA ALA D 149 18.71 -36.40 11.54
C ALA D 149 18.55 -37.91 11.35
N CYS D 150 17.94 -38.30 10.24
CA CYS D 150 17.83 -39.72 9.87
C CYS D 150 19.20 -40.38 9.70
C ACY E . 3.68 13.76 -32.43
O ACY E . 3.95 14.27 -33.54
OXT ACY E . 4.21 14.13 -31.37
CH3 ACY E . 2.68 12.65 -32.36
C ACY F . -12.08 21.10 -17.07
O ACY F . -13.14 20.52 -17.43
OXT ACY F . -10.95 20.57 -17.08
CH3 ACY F . -12.17 22.52 -16.61
C ACY G . 8.26 9.24 -7.16
O ACY G . 8.28 10.35 -6.60
OXT ACY G . 7.88 8.18 -6.62
CH3 ACY G . 8.73 9.19 -8.57
C ACY H . 7.42 4.70 -5.98
O ACY H . 6.28 4.79 -5.46
OXT ACY H . 7.66 5.05 -7.14
CH3 ACY H . 8.57 4.20 -5.17
C ACY I . -8.88 18.37 -16.81
O ACY I . -8.57 19.10 -17.79
OXT ACY I . -10.06 18.09 -16.48
CH3 ACY I . -7.77 17.73 -15.99
C ACY J . -15.73 20.63 -2.35
O ACY J . -16.86 20.20 -2.03
OXT ACY J . -15.54 21.36 -3.35
CH3 ACY J . -14.54 20.26 -1.51
C ACY K . -8.15 6.28 -25.89
O ACY K . -7.66 5.49 -26.72
OXT ACY K . -8.39 7.50 -26.09
CH3 ACY K . -8.47 5.69 -24.55
C ACY L . 14.16 14.91 -19.11
O ACY L . 14.84 14.28 -19.96
OXT ACY L . 14.62 15.66 -18.23
CH3 ACY L . 12.66 14.71 -19.17
C ACY M . 8.04 14.02 -33.56
O ACY M . 7.06 13.24 -33.64
OXT ACY M . 8.00 15.16 -33.05
CH3 ACY M . 9.36 13.54 -34.10
C1 GOL N . 8.40 -0.17 -18.75
O1 GOL N . 9.24 0.97 -19.03
C2 GOL N . 8.71 -1.03 -17.51
O2 GOL N . 9.27 -2.29 -17.83
C3 GOL N . 7.47 -1.37 -16.69
O3 GOL N . 7.66 -2.63 -16.03
ZN ZN O . 3.19 3.72 -9.93
ZN ZN P . 6.25 5.13 -8.81
ZN ZN Q . 6.81 9.83 -4.27
ZN ZN R . 0.05 22.88 4.23
ZN ZN S . 5.93 15.96 -31.96
ZN ZN T . -17.55 22.69 -3.80
ZN ZN U . 4.49 43.93 -16.76
ZN ZN V . 22.91 20.81 -32.54
C ACY W . 19.37 -5.33 -8.39
O ACY W . 18.58 -5.94 -7.64
OXT ACY W . 20.61 -5.27 -8.24
CH3 ACY W . 18.79 -4.61 -9.58
C ACY X . 22.08 -32.19 -6.98
O ACY X . 21.06 -32.52 -7.63
OXT ACY X . 23.12 -32.88 -6.93
CH3 ACY X . 22.01 -30.89 -6.23
C ACY Y . 5.13 2.29 -9.06
O ACY Y . 4.10 1.59 -8.98
OXT ACY Y . 5.09 3.55 -9.14
CH3 ACY Y . 6.47 1.61 -9.04
C ACY Z . 23.67 -3.79 -9.19
O ACY Z . 22.56 -4.01 -9.71
OXT ACY Z . 24.62 -4.61 -9.19
CH3 ACY Z . 23.88 -2.47 -8.52
C1 GOL AA . -0.37 -14.36 -23.77
O1 GOL AA . 0.30 -13.11 -23.77
C2 GOL AA . 0.65 -15.48 -23.93
O2 GOL AA . 0.90 -15.72 -25.29
C3 GOL AA . 0.26 -16.77 -23.21
O3 GOL AA . 0.38 -16.60 -21.79
C1 BU1 BA . 12.15 -2.44 -17.48
C2 BU1 BA . 12.52 -1.08 -18.04
C3 BU1 BA . 13.25 -1.22 -19.37
C4 BU1 BA . 12.68 -0.22 -20.37
O5 BU1 BA . 11.29 -3.09 -18.44
O6 BU1 BA . 13.64 0.81 -20.65
ZN ZN CA . 23.07 -4.81 -11.65
ZN ZN DA . 25.17 -6.70 -13.83
ZN ZN EA . 24.58 -9.95 -13.58
ZN ZN FA . 20.45 -7.15 -6.08
ZN ZN GA . 20.57 -34.54 -8.44
ZN ZN HA . 23.38 -12.01 -31.02
ZN ZN IA . -4.62 3.92 -26.38
C ACY JA . -11.21 17.28 -20.32
O ACY JA . -12.24 17.04 -19.64
OXT ACY JA . -10.43 18.23 -20.11
CH3 ACY JA . -10.91 16.35 -21.46
C ACY KA . 5.57 18.65 7.89
O ACY KA . 4.85 17.82 8.48
OXT ACY KA . 5.13 19.59 7.21
CH3 ACY KA . 7.06 18.50 7.99
C ACY LA . 4.19 23.14 8.25
O ACY LA . 4.23 24.33 7.88
OXT ACY LA . 3.54 22.23 7.64
CH3 ACY LA . 4.95 22.77 9.49
C ACY MA . 2.94 15.48 7.32
O ACY MA . 3.52 16.53 6.99
OXT ACY MA . 2.87 14.48 6.58
CH3 ACY MA . 2.27 15.45 8.66
ZN ZN NA . 3.21 20.20 8.17
ZN ZN OA . 1.95 23.31 6.92
ZN ZN PA . 0.67 5.91 -9.59
ZN ZN QA . -11.81 18.19 -17.74
ZN ZN RA . 4.19 14.84 4.41
C ACY SA . -13.37 -22.12 6.02
O ACY SA . -14.47 -21.85 5.48
OXT ACY SA . -13.22 -22.62 7.15
CH3 ACY SA . -12.12 -21.80 5.25
C ACY TA . 19.36 -6.64 24.07
O ACY TA . 18.72 -6.46 25.13
OXT ACY TA . 19.58 -7.77 23.61
CH3 ACY TA . 19.87 -5.43 23.32
C ACY UA . 16.25 -8.82 21.96
O ACY UA . 15.52 -7.82 21.75
OXT ACY UA . 17.26 -8.84 22.72
CH3 ACY UA . 15.90 -10.09 21.26
C ACY VA . 20.55 -9.17 30.59
O ACY VA . 19.45 -9.75 30.54
OXT ACY VA . 21.22 -8.95 29.57
CH3 ACY VA . 21.08 -8.71 31.93
C ACY WA . -4.61 -4.30 38.82
O ACY WA . -4.82 -3.72 39.89
OXT ACY WA . -4.97 -5.46 38.60
CH3 ACY WA . -3.90 -3.56 37.73
C ACY XA . -5.98 -7.20 42.39
O ACY XA . -5.29 -6.87 41.41
OXT ACY XA . -7.25 -7.21 42.38
CH3 ACY XA . -5.26 -7.62 43.63
C ACY YA . 13.16 -38.91 6.42
O ACY YA . 14.20 -38.22 6.33
OXT ACY YA . 12.09 -38.49 6.91
CH3 ACY YA . 13.16 -40.30 5.87
C1 BU1 ZA . 26.49 -17.77 25.80
C2 BU1 ZA . 26.68 -17.01 27.12
C3 BU1 ZA . 28.05 -16.34 27.19
C4 BU1 ZA . 27.94 -15.26 28.25
O5 BU1 ZA . 25.50 -18.79 25.98
O6 BU1 ZA . 27.30 -14.12 27.66
C1 BU1 AB . 21.02 -22.91 19.60
C2 BU1 AB . 20.17 -21.83 20.28
C3 BU1 AB . 18.70 -21.99 19.92
C4 BU1 AB . 18.01 -20.65 19.69
O5 BU1 AB . 22.28 -22.35 19.17
O6 BU1 AB . 16.66 -20.85 19.21
ZN ZN BB . 19.27 -9.67 28.78
ZN ZN CB . 16.25 -9.62 30.26
ZN ZN DB . 19.14 -9.17 25.35
ZN ZN EB . -6.92 -5.87 39.97
ZN ZN FB . 14.25 -5.74 22.44
ZN ZN GB . 19.00 -24.73 38.68
#